data_5M7W
#
_entry.id   5M7W
#
_cell.length_a   38.048
_cell.length_b   38.032
_cell.length_c   147.340
_cell.angle_alpha   95.98
_cell.angle_beta   88.31
_cell.angle_gamma   103.47
#
_symmetry.space_group_name_H-M   'P 1'
#
loop_
_entity.id
_entity.type
_entity.pdbx_description
1 polymer 'Eukaryotic translation initiation factor 4E'
2 non-polymer '[(2~{R},3~{R},4~{R},5~{R})-5-(2-azanyl-7-methyl-6-oxidanylidene-1~{H}-purin-7-ium-9-yl)-4-methoxy-3-oxidanyl-oxolan-2-yl]methyl [phosphonooxy(sulfanyl)phosphoryl] hydrogen phosphate'
3 non-polymer GLYCEROL
4 water water
#
_entity_poly.entity_id   1
_entity_poly.type   'polypeptide(L)'
_entity_poly.pdbx_seq_one_letter_code
;VANPEHYIKHPLQNRWALWFFKNDKSKTWQANLRLISKFDTVEDFWALYNHIQLSSNLMPGCDYSLFKDGIEPMWEDEKN
KRGGRWLITLNKQQRRSDLDRFWLETLLCLIGESFDDYSDDVCGAVVNVRAKGDKIAIWTTECENRDAVTHIGRVYKERL
GLPPKIVIGYQSHADTATKSGSTTKNRFVV
;
_entity_poly.pdbx_strand_id   A,B,C,D
#
loop_
_chem_comp.id
_chem_comp.type
_chem_comp.name
_chem_comp.formula
GOL non-polymer GLYCEROL 'C3 H8 O3'
WZO non-polymer '[(2~{R},3~{R},4~{R},5~{R})-5-(2-azanyl-7-methyl-6-oxidanylidene-1~{H}-purin-7-ium-9-yl)-4-methoxy-3-oxidanyl-oxolan-2-yl]methyl [phosphonooxy(sulfanyl)phosphoryl] hydrogen phosphate' 'C12 H21 N5 O13 P3 S 1'
#
# COMPACT_ATOMS: atom_id res chain seq x y z
N GLU A 5 -19.40 22.97 -34.99
CA GLU A 5 -19.81 24.01 -34.04
C GLU A 5 -20.95 23.47 -33.16
N HIS A 6 -22.16 23.93 -33.42
CA HIS A 6 -23.35 23.49 -32.71
C HIS A 6 -23.96 22.24 -33.31
N TYR A 7 -23.23 21.52 -34.19
CA TYR A 7 -23.80 20.34 -34.81
C TYR A 7 -22.86 19.15 -34.93
N ILE A 8 -21.56 19.30 -34.72
N ILE A 8 -21.57 19.28 -34.65
CA ILE A 8 -20.66 18.15 -34.79
CA ILE A 8 -20.62 18.18 -34.79
C ILE A 8 -20.67 17.45 -33.45
C ILE A 8 -20.49 17.45 -33.45
N LYS A 9 -20.62 16.13 -33.47
CA LYS A 9 -20.38 15.36 -32.25
C LYS A 9 -18.90 15.48 -31.89
N HIS A 10 -18.58 15.22 -30.61
CA HIS A 10 -17.20 15.34 -30.16
C HIS A 10 -16.49 14.01 -30.18
N PRO A 11 -15.58 13.78 -31.14
CA PRO A 11 -14.97 12.45 -31.27
C PRO A 11 -14.07 12.17 -30.09
N LEU A 12 -14.14 10.93 -29.61
CA LEU A 12 -13.21 10.47 -28.60
C LEU A 12 -11.89 10.04 -29.25
N GLN A 13 -10.83 10.05 -28.43
CA GLN A 13 -9.53 9.60 -28.91
C GLN A 13 -9.61 8.17 -29.45
N ASN A 14 -10.39 7.30 -28.80
CA ASN A 14 -10.53 5.89 -29.18
C ASN A 14 -11.99 5.52 -29.40
N ARG A 15 -12.21 4.50 -30.21
CA ARG A 15 -13.50 3.84 -30.31
C ARG A 15 -13.51 2.75 -29.24
N TRP A 16 -14.61 2.68 -28.50
CA TRP A 16 -14.75 1.79 -27.35
C TRP A 16 -15.89 0.81 -27.59
N ALA A 17 -15.76 -0.39 -27.01
CA ALA A 17 -16.79 -1.41 -27.10
C ALA A 17 -17.20 -1.76 -25.68
N LEU A 18 -18.51 -1.78 -25.45
CA LEU A 18 -19.07 -2.22 -24.18
C LEU A 18 -19.52 -3.67 -24.30
N TRP A 19 -19.10 -4.48 -23.33
CA TRP A 19 -19.37 -5.89 -23.28
C TRP A 19 -20.21 -6.20 -22.05
N PHE A 20 -21.02 -7.25 -22.16
CA PHE A 20 -21.82 -7.74 -21.05
C PHE A 20 -21.52 -9.22 -20.85
N PHE A 21 -21.48 -9.65 -19.60
CA PHE A 21 -21.27 -11.05 -19.24
C PHE A 21 -22.37 -11.41 -18.26
N LYS A 22 -23.05 -12.53 -18.50
CA LYS A 22 -24.02 -13.03 -17.53
C LYS A 22 -23.66 -14.45 -17.17
N ASN A 23 -23.45 -14.69 -15.88
CA ASN A 23 -23.12 -16.02 -15.42
C ASN A 23 -24.26 -16.98 -15.77
N ASP A 24 -23.95 -17.96 -16.60
CA ASP A 24 -24.87 -19.03 -16.93
C ASP A 24 -24.05 -20.30 -17.02
N LYS A 25 -24.36 -21.24 -16.13
CA LYS A 25 -23.62 -22.47 -15.96
C LYS A 25 -23.82 -23.45 -17.11
N SER A 26 -24.85 -23.25 -17.93
CA SER A 26 -25.08 -24.06 -19.12
CA SER A 26 -25.02 -24.12 -19.08
C SER A 26 -24.06 -23.79 -20.22
N LYS A 27 -23.34 -22.68 -20.13
CA LYS A 27 -22.48 -22.22 -21.22
C LYS A 27 -21.04 -22.10 -20.74
N THR A 28 -20.10 -22.20 -21.68
CA THR A 28 -18.72 -21.88 -21.34
C THR A 28 -18.61 -20.41 -20.94
N TRP A 29 -17.52 -20.09 -20.24
CA TRP A 29 -17.30 -18.71 -19.81
C TRP A 29 -17.27 -17.77 -21.01
N GLN A 30 -16.53 -18.15 -22.08
CA GLN A 30 -16.43 -17.31 -23.26
C GLN A 30 -17.78 -17.13 -23.95
N ALA A 31 -18.62 -18.17 -23.95
CA ALA A 31 -19.93 -18.05 -24.57
C ALA A 31 -20.88 -17.17 -23.76
N ASN A 32 -20.58 -16.89 -22.49
CA ASN A 32 -21.38 -15.96 -21.72
C ASN A 32 -20.97 -14.51 -21.92
N LEU A 33 -19.88 -14.26 -22.63
CA LEU A 33 -19.39 -12.92 -22.94
C LEU A 33 -19.96 -12.44 -24.26
N ARG A 34 -20.64 -11.27 -24.25
CA ARG A 34 -21.33 -10.74 -25.43
C ARG A 34 -21.04 -9.25 -25.59
N LEU A 35 -20.71 -8.83 -26.81
CA LEU A 35 -20.51 -7.42 -27.11
C LEU A 35 -21.87 -6.73 -27.27
N ILE A 36 -22.06 -5.62 -26.56
CA ILE A 36 -23.33 -4.91 -26.58
C ILE A 36 -23.39 -3.93 -27.75
N SER A 37 -22.52 -2.93 -27.73
CA SER A 37 -22.46 -1.95 -28.81
C SER A 37 -21.14 -1.22 -28.70
N LYS A 38 -20.88 -0.37 -29.70
CA LYS A 38 -19.67 0.44 -29.69
C LYS A 38 -20.04 1.90 -29.88
N PHE A 39 -19.12 2.79 -29.50
CA PHE A 39 -19.30 4.23 -29.63
C PHE A 39 -17.93 4.87 -29.77
N ASP A 40 -17.88 6.08 -30.38
CA ASP A 40 -16.62 6.82 -30.44
C ASP A 40 -16.81 8.33 -30.37
N THR A 41 -17.89 8.79 -29.73
CA THR A 41 -18.07 10.22 -29.44
C THR A 41 -18.56 10.36 -28.00
N VAL A 42 -18.38 11.57 -27.46
CA VAL A 42 -18.95 11.90 -26.15
C VAL A 42 -20.44 11.63 -26.14
N GLU A 43 -21.14 12.11 -27.16
CA GLU A 43 -22.60 12.03 -27.18
C GLU A 43 -23.07 10.58 -27.24
N ASP A 44 -22.38 9.74 -28.02
CA ASP A 44 -22.85 8.36 -28.08
C ASP A 44 -22.50 7.58 -26.82
N PHE A 45 -21.44 7.96 -26.12
CA PHE A 45 -21.16 7.36 -24.82
C PHE A 45 -22.30 7.60 -23.85
N TRP A 46 -22.73 8.85 -23.72
CA TRP A 46 -23.78 9.16 -22.73
C TRP A 46 -25.12 8.57 -23.13
N ALA A 47 -25.40 8.53 -24.44
CA ALA A 47 -26.62 7.89 -24.90
C ALA A 47 -26.65 6.44 -24.46
N LEU A 48 -25.51 5.76 -24.58
CA LEU A 48 -25.45 4.37 -24.17
C LEU A 48 -25.50 4.24 -22.66
N TYR A 49 -24.68 5.01 -21.93
CA TYR A 49 -24.64 4.92 -20.47
C TYR A 49 -26.03 5.14 -19.89
N ASN A 50 -26.76 6.11 -20.45
CA ASN A 50 -28.07 6.45 -19.94
C ASN A 50 -29.14 5.42 -20.29
N HIS A 51 -28.88 4.51 -21.23
CA HIS A 51 -29.87 3.48 -21.58
C HIS A 51 -29.68 2.18 -20.83
N ILE A 52 -28.57 1.99 -20.14
CA ILE A 52 -28.28 0.69 -19.56
C ILE A 52 -28.38 0.76 -18.04
N GLN A 53 -28.52 -0.44 -17.44
CA GLN A 53 -28.66 -0.55 -15.99
C GLN A 53 -27.41 -0.07 -15.29
N LEU A 54 -27.59 0.61 -14.15
CA LEU A 54 -26.46 0.80 -13.26
C LEU A 54 -25.91 -0.56 -12.81
N SER A 55 -24.60 -0.61 -12.55
CA SER A 55 -23.97 -1.86 -12.14
C SER A 55 -24.56 -2.38 -10.83
N SER A 56 -24.97 -1.48 -9.93
CA SER A 56 -25.54 -1.91 -8.67
C SER A 56 -26.86 -2.63 -8.84
N ASN A 57 -27.52 -2.51 -10.00
CA ASN A 57 -28.83 -3.12 -10.23
CA ASN A 57 -28.83 -3.13 -10.21
C ASN A 57 -28.76 -4.41 -11.05
N LEU A 58 -27.58 -4.81 -11.50
CA LEU A 58 -27.44 -6.07 -12.21
C LEU A 58 -27.52 -7.25 -11.25
N MET A 59 -28.02 -8.39 -11.76
CA MET A 59 -28.01 -9.61 -10.96
C MET A 59 -26.57 -10.03 -10.66
N PRO A 60 -26.31 -10.51 -9.44
CA PRO A 60 -25.00 -11.11 -9.12
C PRO A 60 -24.54 -12.09 -10.20
N GLY A 61 -23.26 -12.04 -10.53
CA GLY A 61 -22.70 -12.89 -11.56
C GLY A 61 -22.53 -12.21 -12.92
N CYS A 62 -22.95 -10.95 -13.03
CA CYS A 62 -22.87 -10.23 -14.28
C CYS A 62 -21.65 -9.30 -14.29
N ASP A 63 -21.14 -9.01 -15.48
CA ASP A 63 -20.08 -8.01 -15.62
C ASP A 63 -20.43 -7.03 -16.73
N TYR A 64 -19.92 -5.83 -16.59
CA TYR A 64 -19.71 -4.91 -17.69
C TYR A 64 -18.22 -4.85 -17.98
N SER A 65 -17.87 -4.68 -19.26
CA SER A 65 -16.50 -4.42 -19.67
C SER A 65 -16.53 -3.32 -20.72
N LEU A 66 -15.60 -2.39 -20.62
CA LEU A 66 -15.39 -1.37 -21.65
C LEU A 66 -13.96 -1.49 -22.14
N PHE A 67 -13.77 -1.87 -23.40
CA PHE A 67 -12.44 -2.07 -23.97
C PHE A 67 -12.28 -1.32 -25.28
N LYS A 68 -11.05 -0.91 -25.55
CA LYS A 68 -10.73 -0.31 -26.84
C LYS A 68 -11.16 -1.26 -27.95
N ASP A 69 -11.80 -0.70 -28.98
CA ASP A 69 -12.30 -1.51 -30.07
C ASP A 69 -11.16 -2.33 -30.67
N GLY A 70 -11.39 -3.62 -30.84
CA GLY A 70 -10.37 -4.55 -31.29
C GLY A 70 -9.71 -5.36 -30.18
N ILE A 71 -9.98 -5.05 -28.91
CA ILE A 71 -9.43 -5.82 -27.78
C ILE A 71 -10.59 -6.50 -27.05
N GLU A 72 -10.57 -7.82 -27.02
CA GLU A 72 -11.60 -8.53 -26.30
C GLU A 72 -11.30 -8.52 -24.80
N PRO A 73 -12.39 -8.45 -23.90
CA PRO A 73 -12.12 -8.37 -22.46
C PRO A 73 -11.74 -9.73 -21.90
N MET A 74 -10.71 -10.35 -22.46
CA MET A 74 -10.26 -11.65 -21.98
C MET A 74 -8.75 -11.74 -21.97
N TRP A 75 -8.22 -12.50 -21.01
CA TRP A 75 -6.77 -12.67 -20.86
C TRP A 75 -6.10 -13.06 -22.17
N GLU A 76 -6.79 -13.85 -23.00
CA GLU A 76 -6.11 -14.44 -24.14
C GLU A 76 -5.93 -13.47 -25.30
N ASP A 77 -6.52 -12.28 -25.24
CA ASP A 77 -6.30 -11.31 -26.30
C ASP A 77 -4.81 -10.99 -26.35
N GLU A 78 -4.29 -10.81 -27.57
CA GLU A 78 -2.87 -10.47 -27.72
C GLU A 78 -2.50 -9.27 -26.88
N LYS A 79 -3.42 -8.31 -26.71
CA LYS A 79 -3.13 -7.11 -25.94
C LYS A 79 -3.37 -7.29 -24.44
N ASN A 80 -3.87 -8.46 -23.99
CA ASN A 80 -3.99 -8.72 -22.56
C ASN A 80 -3.09 -9.83 -22.03
N LYS A 81 -2.59 -10.74 -22.89
CA LYS A 81 -1.93 -11.92 -22.37
C LYS A 81 -0.69 -11.57 -21.54
N ARG A 82 0.02 -10.51 -21.90
CA ARG A 82 1.19 -10.11 -21.13
C ARG A 82 0.88 -9.04 -20.10
N GLY A 83 -0.38 -8.72 -19.90
CA GLY A 83 -0.80 -7.60 -19.07
C GLY A 83 -1.27 -7.99 -17.69
N GLY A 84 -2.06 -7.11 -17.09
CA GLY A 84 -2.62 -7.34 -15.77
C GLY A 84 -3.68 -6.30 -15.45
N ARG A 85 -3.99 -6.15 -14.16
CA ARG A 85 -5.12 -5.30 -13.78
C ARG A 85 -4.87 -4.62 -12.44
N TRP A 86 -5.17 -3.32 -12.39
CA TRP A 86 -5.32 -2.64 -11.11
C TRP A 86 -6.70 -2.95 -10.53
N LEU A 87 -6.73 -3.60 -9.37
CA LEU A 87 -7.96 -4.17 -8.84
C LEU A 87 -8.49 -3.32 -7.70
N ILE A 88 -9.78 -2.99 -7.75
CA ILE A 88 -10.47 -2.34 -6.65
C ILE A 88 -11.45 -3.36 -6.09
N THR A 89 -11.26 -3.74 -4.82
CA THR A 89 -12.15 -4.70 -4.19
C THR A 89 -13.13 -3.91 -3.32
N LEU A 90 -14.41 -4.19 -3.50
CA LEU A 90 -15.44 -3.50 -2.76
C LEU A 90 -16.12 -4.49 -1.82
N ASN A 91 -16.35 -4.06 -0.58
CA ASN A 91 -17.14 -4.88 0.30
C ASN A 91 -18.61 -4.68 -0.06
N LYS A 92 -19.45 -5.45 0.60
CA LYS A 92 -20.85 -5.49 0.23
C LYS A 92 -21.55 -4.18 0.58
N GLN A 93 -21.04 -3.43 1.57
CA GLN A 93 -21.60 -2.12 1.85
C GLN A 93 -21.32 -1.14 0.71
N GLN A 94 -20.15 -1.24 0.07
CA GLN A 94 -19.81 -0.30 -1.00
C GLN A 94 -20.53 -0.58 -2.32
N ARG A 95 -21.32 -1.66 -2.41
CA ARG A 95 -22.25 -1.80 -3.53
C ARG A 95 -23.19 -0.61 -3.59
N ARG A 96 -23.72 -0.22 -2.45
CA ARG A 96 -24.60 0.93 -2.35
C ARG A 96 -23.83 2.25 -2.44
N SER A 97 -22.69 2.35 -1.76
CA SER A 97 -22.06 3.65 -1.59
C SER A 97 -21.11 4.04 -2.73
N ASP A 98 -20.35 3.10 -3.29
CA ASP A 98 -19.27 3.48 -4.20
C ASP A 98 -19.30 2.78 -5.55
N LEU A 99 -20.01 1.66 -5.69
CA LEU A 99 -19.90 0.87 -6.93
C LEU A 99 -20.19 1.71 -8.16
N ASP A 100 -21.37 2.35 -8.19
CA ASP A 100 -21.76 3.07 -9.40
C ASP A 100 -20.91 4.30 -9.64
N ARG A 101 -20.47 4.99 -8.58
CA ARG A 101 -19.70 6.19 -8.82
C ARG A 101 -18.27 5.85 -9.22
N PHE A 102 -17.71 4.81 -8.60
CA PHE A 102 -16.41 4.30 -8.99
C PHE A 102 -16.41 3.83 -10.44
N TRP A 103 -17.47 3.12 -10.87
CA TRP A 103 -17.47 2.58 -12.23
C TRP A 103 -17.56 3.71 -13.25
N LEU A 104 -18.40 4.73 -12.98
CA LEU A 104 -18.52 5.83 -13.92
C LEU A 104 -17.20 6.60 -13.98
N GLU A 105 -16.55 6.79 -12.84
CA GLU A 105 -15.24 7.44 -12.82
C GLU A 105 -14.25 6.63 -13.63
N THR A 106 -14.32 5.30 -13.52
CA THR A 106 -13.47 4.43 -14.31
C THR A 106 -13.74 4.60 -15.80
N LEU A 107 -15.01 4.57 -16.20
CA LEU A 107 -15.39 4.79 -17.60
C LEU A 107 -14.80 6.10 -18.12
N LEU A 108 -14.89 7.16 -17.32
CA LEU A 108 -14.39 8.48 -17.74
C LEU A 108 -12.86 8.51 -17.82
N CYS A 109 -12.17 7.81 -16.91
CA CYS A 109 -10.71 7.73 -17.02
C CYS A 109 -10.30 7.09 -18.35
N LEU A 110 -11.08 6.11 -18.80
CA LEU A 110 -10.80 5.45 -20.08
C LEU A 110 -11.05 6.39 -21.25
N ILE A 111 -12.30 6.83 -21.42
CA ILE A 111 -12.67 7.59 -22.62
C ILE A 111 -12.05 8.97 -22.64
N GLY A 112 -11.76 9.52 -21.46
CA GLY A 112 -11.07 10.80 -21.37
C GLY A 112 -9.56 10.71 -21.44
N GLU A 113 -8.98 9.52 -21.61
CA GLU A 113 -7.52 9.33 -21.77
C GLU A 113 -6.75 9.98 -20.63
N SER A 114 -7.15 9.62 -19.41
CA SER A 114 -6.72 10.36 -18.22
C SER A 114 -5.33 10.00 -17.74
N PHE A 115 -4.64 9.05 -18.36
CA PHE A 115 -3.33 8.64 -17.86
C PHE A 115 -2.15 9.16 -18.69
N ASP A 116 -2.32 10.30 -19.33
CA ASP A 116 -1.21 11.06 -19.93
C ASP A 116 -0.55 10.18 -20.99
N ASP A 117 0.77 10.12 -21.03
CA ASP A 117 1.45 9.36 -22.09
C ASP A 117 1.28 7.87 -21.93
N TYR A 118 0.80 7.40 -20.77
CA TYR A 118 0.58 5.99 -20.56
C TYR A 118 -0.84 5.53 -20.88
N SER A 119 -1.72 6.43 -21.33
CA SER A 119 -3.05 5.96 -21.69
C SER A 119 -3.03 4.97 -22.85
N ASP A 120 -1.91 4.86 -23.55
CA ASP A 120 -1.78 3.86 -24.61
C ASP A 120 -1.58 2.45 -24.05
N ASP A 121 -1.11 2.31 -22.81
CA ASP A 121 -1.04 1.00 -22.16
C ASP A 121 -2.38 0.48 -21.66
N VAL A 122 -3.40 1.34 -21.59
CA VAL A 122 -4.72 0.91 -21.13
C VAL A 122 -5.42 0.11 -22.22
N CYS A 123 -5.93 -1.06 -21.84
CA CYS A 123 -6.77 -1.92 -22.66
C CYS A 123 -8.25 -1.72 -22.39
N GLY A 124 -8.64 -1.69 -21.12
CA GLY A 124 -10.04 -1.49 -20.78
C GLY A 124 -10.26 -1.60 -19.29
N ALA A 125 -11.52 -1.75 -18.92
CA ALA A 125 -11.90 -1.86 -17.52
C ALA A 125 -13.05 -2.85 -17.41
N VAL A 126 -13.17 -3.45 -16.22
CA VAL A 126 -14.14 -4.48 -15.95
C VAL A 126 -14.71 -4.22 -14.57
N VAL A 127 -16.04 -4.32 -14.44
CA VAL A 127 -16.69 -4.39 -13.14
C VAL A 127 -17.37 -5.74 -13.00
N ASN A 128 -17.04 -6.45 -11.94
CA ASN A 128 -17.72 -7.70 -11.60
C ASN A 128 -18.71 -7.43 -10.47
N VAL A 129 -19.97 -7.75 -10.72
CA VAL A 129 -21.00 -7.69 -9.68
C VAL A 129 -21.12 -9.08 -9.12
N ARG A 130 -20.80 -9.22 -7.83
CA ARG A 130 -20.77 -10.52 -7.18
C ARG A 130 -21.34 -10.43 -5.77
N ALA A 131 -22.00 -11.51 -5.38
CA ALA A 131 -22.60 -11.56 -4.04
C ALA A 131 -21.52 -11.45 -2.96
N LYS A 132 -20.37 -12.07 -3.20
CA LYS A 132 -19.31 -12.09 -2.20
C LYS A 132 -18.59 -10.76 -2.09
N GLY A 133 -18.85 -9.82 -2.99
CA GLY A 133 -18.14 -8.56 -3.00
C GLY A 133 -17.83 -8.15 -4.43
N ASP A 134 -18.10 -6.90 -4.79
CA ASP A 134 -17.90 -6.50 -6.17
C ASP A 134 -16.43 -6.16 -6.44
N LYS A 135 -16.08 -6.09 -7.73
CA LYS A 135 -14.75 -5.71 -8.14
C LYS A 135 -14.83 -4.73 -9.31
N ILE A 136 -13.88 -3.79 -9.33
CA ILE A 136 -13.64 -2.94 -10.50
C ILE A 136 -12.15 -3.00 -10.81
N ALA A 137 -11.80 -3.06 -12.10
CA ALA A 137 -10.41 -3.21 -12.49
C ALA A 137 -10.12 -2.46 -13.79
N ILE A 138 -8.97 -1.79 -13.86
CA ILE A 138 -8.44 -1.29 -15.13
C ILE A 138 -7.39 -2.28 -15.64
N TRP A 139 -7.55 -2.73 -16.88
CA TRP A 139 -6.63 -3.67 -17.53
C TRP A 139 -5.61 -2.93 -18.39
N THR A 140 -4.33 -3.27 -18.23
CA THR A 140 -3.26 -2.69 -19.02
C THR A 140 -2.51 -3.80 -19.72
N THR A 141 -1.73 -3.43 -20.74
CA THR A 141 -1.29 -4.38 -21.76
C THR A 141 0.00 -5.11 -21.41
N GLU A 142 0.83 -4.58 -20.51
CA GLU A 142 2.16 -5.17 -20.23
C GLU A 142 2.48 -5.07 -18.75
N CYS A 143 2.36 -6.20 -18.03
CA CYS A 143 2.55 -6.18 -16.58
C CYS A 143 3.99 -5.94 -16.16
N GLU A 144 4.94 -5.95 -17.10
CA GLU A 144 6.34 -5.72 -16.76
C GLU A 144 6.76 -4.28 -16.97
N ASN A 145 5.86 -3.42 -17.46
CA ASN A 145 6.16 -2.00 -17.68
C ASN A 145 5.88 -1.27 -16.37
N ARG A 146 6.87 -1.27 -15.49
CA ARG A 146 6.67 -0.78 -14.13
C ARG A 146 6.24 0.68 -14.12
N ASP A 147 6.88 1.52 -14.94
CA ASP A 147 6.54 2.94 -14.95
C ASP A 147 5.09 3.17 -15.38
N ALA A 148 4.66 2.52 -16.48
CA ALA A 148 3.31 2.74 -16.96
C ALA A 148 2.28 2.24 -15.96
N VAL A 149 2.48 1.00 -15.48
CA VAL A 149 1.57 0.41 -14.52
C VAL A 149 1.47 1.26 -13.27
N THR A 150 2.61 1.73 -12.75
CA THR A 150 2.61 2.49 -11.50
C THR A 150 1.95 3.85 -11.67
N HIS A 151 2.22 4.54 -12.78
CA HIS A 151 1.59 5.83 -13.00
C HIS A 151 0.08 5.69 -13.14
N ILE A 152 -0.37 4.71 -13.93
CA ILE A 152 -1.81 4.46 -14.06
C ILE A 152 -2.42 4.17 -12.71
N GLY A 153 -1.73 3.38 -11.88
CA GLY A 153 -2.29 3.05 -10.57
C GLY A 153 -2.42 4.26 -9.66
N ARG A 154 -1.42 5.15 -9.68
CA ARG A 154 -1.46 6.38 -8.88
C ARG A 154 -2.54 7.34 -9.35
N VAL A 155 -2.66 7.55 -10.66
CA VAL A 155 -3.70 8.45 -11.17
C VAL A 155 -5.07 7.88 -10.85
N TYR A 156 -5.25 6.59 -11.09
CA TYR A 156 -6.52 5.91 -10.85
C TYR A 156 -6.97 6.05 -9.40
N LYS A 157 -6.09 5.73 -8.47
CA LYS A 157 -6.46 5.75 -7.05
C LYS A 157 -6.89 7.15 -6.61
N GLU A 158 -6.19 8.18 -7.10
CA GLU A 158 -6.55 9.53 -6.74
C GLU A 158 -7.81 10.00 -7.45
N ARG A 159 -8.07 9.53 -8.67
CA ARG A 159 -9.31 9.94 -9.35
C ARG A 159 -10.52 9.27 -8.69
N LEU A 160 -10.31 8.08 -8.11
CA LEU A 160 -11.36 7.41 -7.34
C LEU A 160 -11.58 8.10 -6.00
N GLY A 161 -10.62 8.89 -5.54
CA GLY A 161 -10.73 9.52 -4.22
C GLY A 161 -10.37 8.63 -3.05
N LEU A 162 -9.65 7.53 -3.28
CA LEU A 162 -9.37 6.63 -2.18
C LEU A 162 -8.35 7.26 -1.23
N PRO A 163 -8.51 7.08 0.08
CA PRO A 163 -7.62 7.75 1.01
C PRO A 163 -6.22 7.16 0.96
N PRO A 164 -5.20 8.00 1.13
CA PRO A 164 -3.81 7.51 1.10
C PRO A 164 -3.53 6.39 2.08
N LYS A 165 -4.44 6.13 3.03
CA LYS A 165 -4.30 4.98 3.90
C LYS A 165 -4.59 3.68 3.15
N ILE A 166 -5.51 3.72 2.18
CA ILE A 166 -5.95 2.52 1.49
C ILE A 166 -4.90 2.09 0.47
N VAL A 167 -4.73 0.79 0.30
CA VAL A 167 -3.76 0.23 -0.62
C VAL A 167 -4.50 -0.64 -1.64
N ILE A 168 -4.13 -0.49 -2.92
CA ILE A 168 -4.65 -1.30 -4.01
C ILE A 168 -3.48 -2.01 -4.69
N GLY A 169 -3.77 -3.16 -5.28
CA GLY A 169 -2.76 -4.00 -5.89
C GLY A 169 -2.96 -4.22 -7.39
N TYR A 170 -1.88 -4.52 -8.10
CA TYR A 170 -1.91 -4.84 -9.52
C TYR A 170 -1.48 -6.30 -9.69
N GLN A 171 -2.32 -7.10 -10.33
CA GLN A 171 -2.03 -8.51 -10.57
C GLN A 171 -1.89 -8.77 -12.07
N SER A 172 -0.94 -9.62 -12.44
CA SER A 172 -0.80 -10.02 -13.83
C SER A 172 -1.86 -11.06 -14.18
N HIS A 173 -2.34 -11.03 -15.42
CA HIS A 173 -3.32 -12.02 -15.84
C HIS A 173 -2.72 -13.42 -15.83
N ALA A 174 -1.41 -13.51 -16.04
CA ALA A 174 -0.75 -14.81 -16.00
C ALA A 174 -0.90 -15.44 -14.62
N ASP A 175 -0.75 -14.64 -13.56
CA ASP A 175 -0.90 -15.17 -12.21
C ASP A 175 -2.37 -15.48 -11.89
N THR A 176 -3.27 -14.59 -12.31
CA THR A 176 -4.70 -14.81 -12.09
C THR A 176 -5.19 -16.06 -12.79
N ALA A 177 -4.73 -16.31 -14.02
CA ALA A 177 -5.21 -17.43 -14.81
C ALA A 177 -4.73 -18.79 -14.29
N THR A 178 -3.78 -18.83 -13.36
CA THR A 178 -3.20 -20.11 -12.94
C THR A 178 -3.26 -20.32 -11.43
N LYS A 185 -1.32 -12.91 -6.15
CA LYS A 185 -0.37 -12.00 -5.51
C LYS A 185 -0.24 -10.69 -6.29
N ASN A 186 0.25 -9.64 -5.64
CA ASN A 186 0.40 -8.34 -6.27
C ASN A 186 1.79 -8.16 -6.88
N ARG A 187 1.82 -7.65 -8.12
CA ARG A 187 3.07 -7.22 -8.72
C ARG A 187 3.49 -5.85 -8.23
N PHE A 188 2.52 -4.99 -7.94
CA PHE A 188 2.75 -3.61 -7.57
C PHE A 188 1.65 -3.21 -6.61
N VAL A 189 1.94 -2.20 -5.80
CA VAL A 189 0.93 -1.64 -4.90
C VAL A 189 1.05 -0.13 -4.91
N VAL A 190 -0.09 0.55 -4.75
CA VAL A 190 -0.11 2.00 -4.55
C VAL A 190 -1.19 2.38 -3.55
N GLU B 5 44.70 17.23 -2.34
CA GLU B 5 43.39 16.66 -2.02
C GLU B 5 43.53 15.28 -1.39
N HIS B 6 44.76 14.76 -1.35
CA HIS B 6 45.04 13.45 -0.76
C HIS B 6 45.25 13.51 0.75
N TYR B 7 44.83 14.61 1.38
CA TYR B 7 45.00 14.78 2.81
C TYR B 7 43.80 15.42 3.50
N ILE B 8 42.83 15.92 2.76
CA ILE B 8 41.64 16.55 3.31
CA ILE B 8 41.65 16.55 3.35
C ILE B 8 40.56 15.50 3.52
N LYS B 9 39.88 15.56 4.66
CA LYS B 9 38.71 14.71 4.86
C LYS B 9 37.58 15.20 3.95
N HIS B 10 36.60 14.34 3.75
CA HIS B 10 35.52 14.69 2.84
C HIS B 10 34.32 15.24 3.61
N PRO B 11 34.04 16.55 3.54
CA PRO B 11 32.97 17.12 4.38
C PRO B 11 31.61 16.57 3.95
N LEU B 12 30.78 16.26 4.94
CA LEU B 12 29.40 15.96 4.61
C LEU B 12 28.62 17.25 4.42
N GLN B 13 27.47 17.12 3.76
CA GLN B 13 26.57 18.28 3.58
C GLN B 13 26.07 18.79 4.93
N ASN B 14 25.79 17.89 5.88
CA ASN B 14 25.33 18.26 7.21
C ASN B 14 26.22 17.67 8.29
N ARG B 15 26.23 18.33 9.45
CA ARG B 15 26.80 17.73 10.65
C ARG B 15 25.71 16.90 11.30
N TRP B 16 26.07 15.68 11.73
CA TRP B 16 25.12 14.70 12.24
C TRP B 16 25.48 14.36 13.68
N ALA B 17 24.45 14.03 14.46
CA ALA B 17 24.64 13.66 15.85
C ALA B 17 24.06 12.27 16.05
N LEU B 18 24.85 11.39 16.65
CA LEU B 18 24.39 10.06 16.97
C LEU B 18 23.95 10.02 18.43
N TRP B 19 22.76 9.47 18.66
CA TRP B 19 22.15 9.41 19.98
C TRP B 19 21.93 7.96 20.38
N PHE B 20 21.95 7.73 21.69
CA PHE B 20 21.66 6.42 22.26
C PHE B 20 20.56 6.55 23.30
N PHE B 21 19.69 5.55 23.35
CA PHE B 21 18.59 5.46 24.30
C PHE B 21 18.68 4.08 24.93
N LYS B 22 18.61 4.01 26.26
CA LYS B 22 18.54 2.73 26.94
C LYS B 22 17.34 2.73 27.85
N ASN B 23 16.45 1.78 27.65
CA ASN B 23 15.29 1.69 28.51
C ASN B 23 15.78 1.45 29.94
N ASP B 24 15.45 2.38 30.83
CA ASP B 24 15.64 2.15 32.25
C ASP B 24 14.45 2.79 32.94
N LYS B 25 13.68 1.96 33.65
CA LYS B 25 12.42 2.36 34.26
C LYS B 25 12.62 3.29 35.45
N SER B 26 13.85 3.39 35.95
CA SER B 26 14.23 4.33 36.99
C SER B 26 14.10 5.78 36.58
N LYS B 27 14.17 6.06 35.27
CA LYS B 27 14.32 7.40 34.74
C LYS B 27 13.15 7.75 33.82
N THR B 28 12.91 9.04 33.62
CA THR B 28 11.99 9.47 32.57
C THR B 28 12.53 9.08 31.20
N TRP B 29 11.62 9.08 30.21
CA TRP B 29 12.04 8.72 28.86
C TRP B 29 13.14 9.66 28.36
N GLN B 30 12.93 10.98 28.54
CA GLN B 30 13.93 11.96 28.07
C GLN B 30 15.26 11.80 28.79
N ALA B 31 15.26 11.43 30.08
CA ALA B 31 16.54 11.24 30.76
C ALA B 31 17.26 9.97 30.29
N ASN B 32 16.58 9.06 29.57
CA ASN B 32 17.25 7.89 29.02
C ASN B 32 17.87 8.15 27.65
N LEU B 33 17.61 9.30 27.05
CA LEU B 33 18.19 9.69 25.78
C LEU B 33 19.50 10.43 26.00
N ARG B 34 20.58 9.95 25.36
CA ARG B 34 21.92 10.51 25.55
C ARG B 34 22.63 10.71 24.21
N LEU B 35 23.25 11.87 24.04
CA LEU B 35 24.01 12.13 22.82
C LEU B 35 25.38 11.44 22.92
N ILE B 36 25.73 10.66 21.89
CA ILE B 36 26.99 9.92 21.86
C ILE B 36 28.10 10.79 21.29
N SER B 37 27.99 11.17 20.02
CA SER B 37 28.99 12.06 19.44
C SER B 37 28.45 12.65 18.15
N LYS B 38 29.22 13.56 17.59
CA LYS B 38 28.84 14.19 16.34
C LYS B 38 30.00 14.04 15.35
N PHE B 39 29.66 14.19 14.07
CA PHE B 39 30.63 14.09 12.99
C PHE B 39 30.12 14.88 11.79
N ASP B 40 31.04 15.32 10.91
CA ASP B 40 30.58 15.97 9.70
C ASP B 40 31.48 15.68 8.49
N THR B 41 32.16 14.52 8.51
CA THR B 41 32.93 14.05 7.35
C THR B 41 32.64 12.58 7.13
N VAL B 42 32.92 12.14 5.90
CA VAL B 42 32.83 10.72 5.58
C VAL B 42 33.70 9.91 6.53
N GLU B 43 34.93 10.35 6.74
CA GLU B 43 35.88 9.57 7.52
C GLU B 43 35.45 9.45 8.99
N ASP B 44 34.90 10.51 9.56
CA ASP B 44 34.52 10.41 10.97
C ASP B 44 33.23 9.62 11.12
N PHE B 45 32.37 9.61 10.10
CA PHE B 45 31.21 8.74 10.15
C PHE B 45 31.63 7.27 10.26
N TRP B 46 32.53 6.81 9.38
CA TRP B 46 32.91 5.41 9.39
C TRP B 46 33.71 5.03 10.63
N ALA B 47 34.55 5.95 11.13
CA ALA B 47 35.24 5.71 12.38
C ALA B 47 34.27 5.49 13.53
N LEU B 48 33.20 6.28 13.59
CA LEU B 48 32.22 6.11 14.66
C LEU B 48 31.41 4.82 14.44
N TYR B 49 30.93 4.62 13.21
CA TYR B 49 30.17 3.41 12.91
C TYR B 49 30.95 2.14 13.24
N ASN B 50 32.26 2.10 12.89
CA ASN B 50 33.06 0.89 13.12
C ASN B 50 33.45 0.68 14.58
N HIS B 51 33.23 1.68 15.44
CA HIS B 51 33.52 1.66 16.86
C HIS B 51 32.36 1.12 17.70
N ILE B 52 31.13 1.21 17.21
CA ILE B 52 29.96 0.98 18.04
C ILE B 52 29.29 -0.33 17.65
N GLN B 53 28.43 -0.79 18.57
CA GLN B 53 27.73 -2.05 18.39
C GLN B 53 26.80 -1.99 17.18
N LEU B 54 26.75 -3.09 16.43
CA LEU B 54 25.64 -3.25 15.50
C LEU B 54 24.31 -3.28 16.26
N SER B 55 23.28 -2.74 15.61
CA SER B 55 21.96 -2.64 16.25
C SER B 55 21.42 -4.02 16.62
N SER B 56 21.74 -5.06 15.85
CA SER B 56 21.24 -6.38 16.18
C SER B 56 21.82 -6.94 17.47
N ASN B 57 22.86 -6.31 18.02
CA ASN B 57 23.52 -6.78 19.24
C ASN B 57 23.17 -5.96 20.48
N LEU B 58 22.42 -4.88 20.34
CA LEU B 58 22.00 -4.11 21.50
C LEU B 58 20.95 -4.88 22.28
N MET B 59 20.91 -4.63 23.58
CA MET B 59 19.85 -5.21 24.39
C MET B 59 18.50 -4.68 23.91
N PRO B 60 17.46 -5.51 23.86
CA PRO B 60 16.10 -5.00 23.67
C PRO B 60 15.78 -3.84 24.61
N GLY B 61 15.11 -2.84 24.06
CA GLY B 61 14.82 -1.63 24.82
C GLY B 61 15.77 -0.48 24.51
N CYS B 62 16.75 -0.68 23.64
CA CYS B 62 17.71 0.35 23.28
C CYS B 62 17.34 0.93 21.92
N ASP B 63 17.77 2.17 21.68
CA ASP B 63 17.64 2.82 20.38
C ASP B 63 18.98 3.42 19.94
N TYR B 64 19.19 3.47 18.63
CA TYR B 64 20.11 4.43 18.02
C TYR B 64 19.29 5.47 17.26
N SER B 65 19.78 6.73 17.26
CA SER B 65 19.18 7.81 16.49
C SER B 65 20.30 8.61 15.84
N LEU B 66 20.14 8.94 14.56
CA LEU B 66 21.05 9.84 13.85
C LEU B 66 20.23 11.02 13.34
N PHE B 67 20.52 12.23 13.86
CA PHE B 67 19.76 13.42 13.51
C PHE B 67 20.68 14.56 13.10
N LYS B 68 20.16 15.43 12.23
CA LYS B 68 20.89 16.64 11.90
C LYS B 68 21.22 17.41 13.17
N ASP B 69 22.46 17.86 13.25
CA ASP B 69 22.91 18.58 14.45
C ASP B 69 21.98 19.76 14.73
N GLY B 70 21.54 19.86 15.97
CA GLY B 70 20.58 20.86 16.38
C GLY B 70 19.14 20.35 16.46
N ILE B 71 18.87 19.14 15.98
CA ILE B 71 17.53 18.56 16.07
C ILE B 71 17.60 17.37 17.03
N GLU B 72 16.85 17.48 18.13
CA GLU B 72 16.80 16.39 19.08
C GLU B 72 15.86 15.29 18.58
N PRO B 73 16.20 13.98 18.88
CA PRO B 73 15.36 12.87 18.44
C PRO B 73 14.10 12.66 19.26
N MET B 74 13.30 13.73 19.35
CA MET B 74 12.05 13.65 20.10
C MET B 74 10.99 14.47 19.42
N TRP B 75 9.74 14.02 19.60
CA TRP B 75 8.59 14.69 19.00
C TRP B 75 8.59 16.18 19.30
N GLU B 76 9.07 16.58 20.47
CA GLU B 76 8.88 17.94 20.94
C GLU B 76 9.80 18.96 20.28
N ASP B 77 10.81 18.52 19.52
CA ASP B 77 11.68 19.46 18.82
C ASP B 77 10.85 20.27 17.82
N GLU B 78 11.18 21.56 17.68
CA GLU B 78 10.44 22.39 16.73
C GLU B 78 10.43 21.78 15.33
N LYS B 79 11.50 21.09 14.94
CA LYS B 79 11.58 20.50 13.61
C LYS B 79 10.95 19.11 13.53
N ASN B 80 10.43 18.58 14.63
CA ASN B 80 9.66 17.33 14.60
C ASN B 80 8.20 17.45 15.00
N LYS B 81 7.79 18.52 15.69
CA LYS B 81 6.43 18.55 16.25
C LYS B 81 5.36 18.47 15.16
N ARG B 82 5.60 19.06 13.99
CA ARG B 82 4.63 19.03 12.89
C ARG B 82 4.95 17.93 11.86
N GLY B 83 5.88 17.05 12.17
CA GLY B 83 6.36 16.06 11.23
C GLY B 83 5.84 14.67 11.50
N GLY B 84 6.54 13.68 10.94
CA GLY B 84 6.20 12.29 11.14
C GLY B 84 7.34 11.40 10.67
N ARG B 85 7.00 10.14 10.40
CA ARG B 85 8.04 9.16 10.10
C ARG B 85 7.58 8.10 9.12
N TRP B 86 8.46 7.77 8.18
CA TRP B 86 8.33 6.55 7.39
C TRP B 86 8.80 5.38 8.23
N LEU B 87 7.91 4.42 8.50
CA LEU B 87 8.16 3.37 9.48
C LEU B 87 8.44 2.04 8.78
N ILE B 88 9.53 1.39 9.18
CA ILE B 88 9.86 0.04 8.73
C ILE B 88 9.71 -0.87 9.94
N THR B 89 8.81 -1.84 9.84
CA THR B 89 8.58 -2.80 10.93
C THR B 89 9.27 -4.12 10.60
N LEU B 90 10.04 -4.64 11.54
CA LEU B 90 10.73 -5.91 11.33
C LEU B 90 10.15 -6.95 12.27
N ASN B 91 9.91 -8.15 11.74
CA ASN B 91 9.55 -9.25 12.62
C ASN B 91 10.85 -9.77 13.24
N LYS B 92 10.71 -10.77 14.10
CA LYS B 92 11.84 -11.26 14.88
C LYS B 92 12.88 -11.91 14.01
N GLN B 93 12.46 -12.55 12.90
CA GLN B 93 13.43 -13.15 11.99
C GLN B 93 14.23 -12.10 11.24
N GLN B 94 13.63 -10.94 10.94
CA GLN B 94 14.37 -9.91 10.21
C GLN B 94 15.39 -9.14 11.05
N ARG B 95 15.45 -9.34 12.37
CA ARG B 95 16.57 -8.80 13.13
C ARG B 95 17.89 -9.41 12.64
N ARG B 96 17.87 -10.71 12.38
CA ARG B 96 19.06 -11.38 11.88
C ARG B 96 19.35 -11.01 10.44
N SER B 97 18.32 -10.99 9.60
CA SER B 97 18.51 -10.89 8.16
C SER B 97 18.60 -9.46 7.63
N ASP B 98 17.83 -8.51 8.19
CA ASP B 98 17.72 -7.19 7.56
C ASP B 98 18.06 -6.01 8.48
N LEU B 99 18.02 -6.17 9.80
CA LEU B 99 18.11 -5.03 10.71
C LEU B 99 19.38 -4.21 10.44
N ASP B 100 20.54 -4.85 10.49
CA ASP B 100 21.79 -4.10 10.38
C ASP B 100 21.98 -3.51 9.00
N ARG B 101 21.67 -4.27 7.94
CA ARG B 101 21.86 -3.71 6.60
CA ARG B 101 21.85 -3.73 6.59
C ARG B 101 20.83 -2.63 6.28
N PHE B 102 19.58 -2.81 6.74
CA PHE B 102 18.58 -1.76 6.60
C PHE B 102 19.01 -0.50 7.33
N TRP B 103 19.59 -0.66 8.53
CA TRP B 103 19.98 0.51 9.30
C TRP B 103 21.15 1.21 8.65
N LEU B 104 22.13 0.43 8.17
CA LEU B 104 23.26 1.10 7.56
C LEU B 104 22.84 1.82 6.28
N GLU B 105 21.96 1.19 5.48
CA GLU B 105 21.42 1.87 4.31
C GLU B 105 20.66 3.13 4.70
N THR B 106 19.94 3.08 5.82
CA THR B 106 19.25 4.28 6.30
C THR B 106 20.25 5.38 6.62
N LEU B 107 21.31 5.05 7.38
CA LEU B 107 22.37 6.02 7.70
C LEU B 107 22.95 6.64 6.44
N LEU B 108 23.19 5.83 5.41
CA LEU B 108 23.75 6.33 4.17
C LEU B 108 22.74 7.19 3.41
N CYS B 109 21.46 6.82 3.45
CA CYS B 109 20.46 7.72 2.85
C CYS B 109 20.50 9.08 3.52
N LEU B 110 20.76 9.10 4.83
CA LEU B 110 20.83 10.34 5.58
C LEU B 110 22.04 11.18 5.18
N ILE B 111 23.24 10.65 5.43
CA ILE B 111 24.45 11.45 5.26
C ILE B 111 24.77 11.69 3.79
N GLY B 112 24.31 10.83 2.90
CA GLY B 112 24.50 11.01 1.47
C GLY B 112 23.47 11.91 0.83
N GLU B 113 22.52 12.44 1.62
CA GLU B 113 21.50 13.37 1.14
C GLU B 113 20.76 12.79 -0.06
N SER B 114 20.22 11.57 0.12
CA SER B 114 19.75 10.78 -1.01
C SER B 114 18.35 11.14 -1.51
N PHE B 115 17.66 12.11 -0.93
CA PHE B 115 16.28 12.39 -1.32
C PHE B 115 16.13 13.69 -2.12
N ASP B 116 17.16 14.06 -2.88
CA ASP B 116 17.07 15.13 -3.89
C ASP B 116 16.72 16.42 -3.14
N ASP B 117 15.78 17.22 -3.64
CA ASP B 117 15.47 18.51 -3.05
C ASP B 117 14.74 18.37 -1.72
N TYR B 118 14.22 17.19 -1.42
CA TYR B 118 13.51 16.97 -0.17
C TYR B 118 14.40 16.49 0.96
N SER B 119 15.71 16.32 0.73
CA SER B 119 16.56 15.94 1.85
C SER B 119 16.59 17.03 2.92
N ASP B 120 16.24 18.26 2.55
CA ASP B 120 16.13 19.31 3.55
CA ASP B 120 16.08 19.34 3.52
C ASP B 120 14.93 19.08 4.48
N ASP B 121 13.93 18.28 4.06
CA ASP B 121 12.84 17.87 4.92
C ASP B 121 13.18 16.75 5.89
N VAL B 122 14.31 16.06 5.69
CA VAL B 122 14.73 14.97 6.57
C VAL B 122 15.27 15.53 7.88
N CYS B 123 14.78 15.00 9.00
CA CYS B 123 15.29 15.35 10.32
C CYS B 123 16.32 14.35 10.82
N GLY B 124 16.01 13.07 10.65
CA GLY B 124 16.92 12.01 11.07
C GLY B 124 16.24 10.67 10.97
N ALA B 125 16.84 9.68 11.61
CA ALA B 125 16.32 8.32 11.61
C ALA B 125 16.54 7.69 12.97
N VAL B 126 15.70 6.69 13.26
CA VAL B 126 15.73 6.00 14.55
C VAL B 126 15.57 4.52 14.29
N VAL B 127 16.37 3.69 14.97
CA VAL B 127 16.15 2.26 15.04
C VAL B 127 15.85 1.89 16.49
N ASN B 128 14.72 1.23 16.70
CA ASN B 128 14.37 0.67 18.00
C ASN B 128 14.57 -0.84 17.98
N VAL B 129 15.38 -1.35 18.88
CA VAL B 129 15.56 -2.78 19.08
C VAL B 129 14.62 -3.18 20.21
N ARG B 130 13.69 -4.09 19.91
CA ARG B 130 12.67 -4.51 20.86
C ARG B 130 12.38 -5.99 20.75
N ALA B 131 12.01 -6.59 21.88
CA ALA B 131 11.69 -8.00 21.88
C ALA B 131 10.52 -8.29 20.96
N LYS B 132 9.52 -7.41 20.95
CA LYS B 132 8.31 -7.66 20.17
C LYS B 132 8.51 -7.45 18.68
N GLY B 133 9.64 -6.89 18.27
CA GLY B 133 9.83 -6.57 16.87
C GLY B 133 10.56 -5.26 16.73
N ASP B 134 11.59 -5.22 15.90
CA ASP B 134 12.37 -4.01 15.79
C ASP B 134 11.72 -3.05 14.81
N LYS B 135 12.16 -1.79 14.86
CA LYS B 135 11.65 -0.78 13.95
C LYS B 135 12.81 0.08 13.45
N ILE B 136 12.68 0.53 12.21
CA ILE B 136 13.53 1.60 11.69
C ILE B 136 12.60 2.66 11.10
N ALA B 137 12.94 3.93 11.30
CA ALA B 137 12.12 5.04 10.81
C ALA B 137 12.99 6.20 10.34
N ILE B 138 12.59 6.83 9.24
CA ILE B 138 13.12 8.14 8.84
C ILE B 138 12.12 9.22 9.29
N TRP B 139 12.61 10.19 10.07
CA TRP B 139 11.78 11.28 10.55
C TRP B 139 11.90 12.48 9.62
N THR B 140 10.77 13.05 9.22
CA THR B 140 10.72 14.24 8.38
C THR B 140 9.94 15.34 9.09
N THR B 141 10.09 16.57 8.62
CA THR B 141 9.78 17.72 9.45
C THR B 141 8.32 18.16 9.39
N GLU B 142 7.57 17.82 8.33
CA GLU B 142 6.23 18.36 8.15
C GLU B 142 5.36 17.27 7.53
N CYS B 143 4.49 16.68 8.37
CA CYS B 143 3.65 15.59 7.91
C CYS B 143 2.63 16.03 6.87
N GLU B 144 2.50 17.33 6.60
CA GLU B 144 1.55 17.83 5.62
C GLU B 144 2.17 18.12 4.26
N ASN B 145 3.48 17.95 4.10
CA ASN B 145 4.13 18.20 2.80
C ASN B 145 4.05 16.92 1.99
N ARG B 146 2.96 16.75 1.25
CA ARG B 146 2.70 15.50 0.54
C ARG B 146 3.83 15.17 -0.42
N ASP B 147 4.27 16.15 -1.21
CA ASP B 147 5.32 15.89 -2.20
C ASP B 147 6.61 15.40 -1.55
N ALA B 148 7.04 16.07 -0.48
CA ALA B 148 8.29 15.69 0.17
C ALA B 148 8.17 14.32 0.84
N VAL B 149 7.12 14.14 1.65
CA VAL B 149 6.91 12.88 2.35
C VAL B 149 6.81 11.74 1.35
N THR B 150 6.02 11.95 0.28
CA THR B 150 5.80 10.89 -0.70
C THR B 150 7.08 10.52 -1.43
N HIS B 151 7.87 11.53 -1.83
CA HIS B 151 9.12 11.25 -2.52
C HIS B 151 10.11 10.51 -1.64
N ILE B 152 10.26 10.97 -0.40
CA ILE B 152 11.18 10.32 0.54
C ILE B 152 10.78 8.88 0.78
N GLY B 153 9.48 8.60 0.91
CA GLY B 153 9.05 7.23 1.14
C GLY B 153 9.35 6.34 -0.05
N ARG B 154 9.11 6.86 -1.26
CA ARG B 154 9.37 6.10 -2.48
C ARG B 154 10.86 5.84 -2.69
N VAL B 155 11.71 6.84 -2.49
CA VAL B 155 13.14 6.62 -2.63
C VAL B 155 13.64 5.65 -1.56
N TYR B 156 13.21 5.86 -0.30
CA TYR B 156 13.63 5.02 0.82
C TYR B 156 13.28 3.56 0.59
N LYS B 157 12.03 3.29 0.22
CA LYS B 157 11.59 1.91 0.05
C LYS B 157 12.41 1.22 -1.04
N GLU B 158 12.76 1.97 -2.10
CA GLU B 158 13.57 1.39 -3.16
C GLU B 158 15.02 1.18 -2.72
N ARG B 159 15.54 2.10 -1.89
CA ARG B 159 16.92 1.95 -1.40
C ARG B 159 17.05 0.79 -0.43
N LEU B 160 15.98 0.52 0.33
CA LEU B 160 15.94 -0.66 1.17
C LEU B 160 15.79 -1.93 0.35
N GLY B 161 15.34 -1.82 -0.91
CA GLY B 161 15.14 -2.99 -1.73
C GLY B 161 13.87 -3.74 -1.42
N LEU B 162 12.92 -3.10 -0.73
CA LEU B 162 11.72 -3.80 -0.29
C LEU B 162 10.91 -4.19 -1.52
N PRO B 163 10.23 -5.33 -1.47
CA PRO B 163 9.56 -5.83 -2.68
C PRO B 163 8.40 -4.94 -3.04
N PRO B 164 8.18 -4.71 -4.34
CA PRO B 164 7.05 -3.87 -4.77
C PRO B 164 5.70 -4.36 -4.26
N LYS B 165 5.62 -5.59 -3.78
CA LYS B 165 4.41 -6.05 -3.12
C LYS B 165 4.24 -5.43 -1.74
N ILE B 166 5.35 -5.13 -1.05
CA ILE B 166 5.32 -4.66 0.33
C ILE B 166 4.92 -3.19 0.39
N VAL B 167 4.18 -2.83 1.43
CA VAL B 167 3.72 -1.46 1.65
C VAL B 167 4.25 -0.98 2.99
N ILE B 168 4.75 0.26 3.02
CA ILE B 168 5.18 0.92 4.25
C ILE B 168 4.34 2.18 4.45
N GLY B 169 4.17 2.56 5.70
CA GLY B 169 3.32 3.69 6.05
C GLY B 169 4.03 4.85 6.73
N TYR B 170 3.46 6.04 6.60
CA TYR B 170 3.96 7.25 7.22
C TYR B 170 2.94 7.74 8.23
N GLN B 171 3.37 7.86 9.48
CA GLN B 171 2.51 8.33 10.58
C GLN B 171 3.04 9.65 11.12
N SER B 172 2.13 10.56 11.45
CA SER B 172 2.56 11.81 12.05
C SER B 172 2.88 11.58 13.52
N HIS B 173 3.86 12.32 14.03
CA HIS B 173 4.18 12.19 15.45
C HIS B 173 3.01 12.67 16.31
N ALA B 174 2.22 13.64 15.82
CA ALA B 174 1.07 14.08 16.58
C ALA B 174 0.08 12.95 16.80
N ASP B 175 -0.03 12.05 15.82
CA ASP B 175 -0.87 10.86 15.98
C ASP B 175 -0.23 9.84 16.90
N THR B 176 1.09 9.68 16.80
CA THR B 176 1.79 8.70 17.62
C THR B 176 1.68 9.04 19.11
N ALA B 177 1.71 10.33 19.44
CA ALA B 177 1.83 10.79 20.82
C ALA B 177 0.48 10.94 21.53
N THR B 178 -0.61 10.46 20.93
CA THR B 178 -1.92 10.62 21.52
C THR B 178 -2.73 9.34 21.46
N THR B 184 -1.39 3.75 15.69
CA THR B 184 -1.43 5.01 14.93
C THR B 184 -1.74 4.74 13.45
N LYS B 185 -2.67 5.50 12.90
CA LYS B 185 -3.01 5.36 11.49
C LYS B 185 -1.84 5.82 10.62
N ASN B 186 -1.94 5.49 9.33
CA ASN B 186 -1.01 5.97 8.32
C ASN B 186 -1.56 7.22 7.64
N ARG B 187 -0.69 8.23 7.47
CA ARG B 187 -1.07 9.38 6.66
C ARG B 187 -0.84 9.11 5.17
N PHE B 188 0.24 8.40 4.83
CA PHE B 188 0.57 8.04 3.46
C PHE B 188 1.08 6.60 3.45
N VAL B 189 0.96 5.94 2.30
CA VAL B 189 1.57 4.63 2.10
C VAL B 189 2.25 4.58 0.75
N VAL B 190 3.34 3.83 0.68
CA VAL B 190 4.04 3.57 -0.57
C VAL B 190 4.48 2.11 -0.64
N GLU C 5 29.85 2.11 27.30
CA GLU C 5 28.81 1.37 28.00
C GLU C 5 28.15 0.34 27.09
N HIS C 6 26.83 0.42 26.97
CA HIS C 6 26.02 -0.57 26.26
C HIS C 6 25.99 -0.37 24.75
N TYR C 7 26.93 0.39 24.17
CA TYR C 7 26.92 0.59 22.72
C TYR C 7 28.30 0.59 22.10
N ILE C 8 29.38 0.49 22.88
CA ILE C 8 30.74 0.50 22.36
C ILE C 8 31.25 -0.93 22.29
N LYS C 9 31.76 -1.32 21.12
CA LYS C 9 32.38 -2.64 21.05
C LYS C 9 33.59 -2.70 21.97
N HIS C 10 34.00 -3.92 22.35
CA HIS C 10 35.13 -4.08 23.25
C HIS C 10 36.41 -4.24 22.45
N PRO C 11 37.30 -3.24 22.44
CA PRO C 11 38.52 -3.30 21.62
C PRO C 11 39.48 -4.36 22.13
N LEU C 12 40.10 -5.08 21.20
CA LEU C 12 41.22 -5.95 21.47
C LEU C 12 42.53 -5.16 21.50
N GLN C 13 43.54 -5.73 22.17
CA GLN C 13 44.84 -5.08 22.22
C GLN C 13 45.46 -5.00 20.83
N ASN C 14 45.28 -6.04 20.02
CA ASN C 14 45.82 -6.07 18.66
C ASN C 14 44.71 -6.27 17.64
N ARG C 15 44.99 -5.83 16.42
CA ARG C 15 44.19 -6.21 15.26
C ARG C 15 44.74 -7.50 14.68
N TRP C 16 43.85 -8.43 14.37
CA TRP C 16 44.23 -9.76 13.93
C TRP C 16 43.71 -10.01 12.52
N ALA C 17 44.45 -10.84 11.79
CA ALA C 17 44.08 -11.23 10.45
C ALA C 17 43.89 -12.73 10.42
N LEU C 18 42.75 -13.17 9.87
CA LEU C 18 42.49 -14.58 9.65
C LEU C 18 42.82 -14.92 8.21
N TRP C 19 43.60 -15.99 8.02
CA TRP C 19 44.06 -16.45 6.71
C TRP C 19 43.54 -17.85 6.43
N PHE C 20 43.34 -18.15 5.15
CA PHE C 20 42.95 -19.47 4.67
C PHE C 20 43.90 -19.91 3.58
N PHE C 21 44.15 -21.22 3.56
CA PHE C 21 44.95 -21.88 2.55
C PHE C 21 44.21 -23.15 2.16
N LYS C 22 44.05 -23.38 0.85
CA LYS C 22 43.50 -24.64 0.34
C LYS C 22 44.48 -25.20 -0.68
N ASN C 23 44.91 -26.44 -0.45
CA ASN C 23 45.83 -27.10 -1.37
C ASN C 23 45.23 -27.14 -2.77
N ASP C 24 45.92 -26.50 -3.71
CA ASP C 24 45.57 -26.60 -5.12
C ASP C 24 46.86 -26.77 -5.89
N LYS C 25 47.00 -27.91 -6.58
CA LYS C 25 48.25 -28.25 -7.22
C LYS C 25 48.54 -27.35 -8.42
N SER C 26 47.53 -26.68 -8.96
CA SER C 26 47.68 -25.75 -10.05
C SER C 26 48.33 -24.43 -9.65
N LYS C 27 48.72 -24.27 -8.38
CA LYS C 27 49.25 -23.01 -7.89
C LYS C 27 50.51 -23.23 -7.05
N THR C 28 51.33 -22.19 -6.98
CA THR C 28 52.44 -22.13 -6.05
C THR C 28 51.93 -22.08 -4.60
N TRP C 29 52.81 -22.45 -3.67
CA TRP C 29 52.43 -22.53 -2.27
C TRP C 29 51.94 -21.18 -1.74
N GLN C 30 52.68 -20.11 -2.01
CA GLN C 30 52.29 -18.80 -1.54
C GLN C 30 50.97 -18.34 -2.17
N ALA C 31 50.75 -18.71 -3.43
CA ALA C 31 49.53 -18.35 -4.14
C ALA C 31 48.31 -19.09 -3.60
N ASN C 32 48.50 -20.08 -2.74
CA ASN C 32 47.37 -20.73 -2.09
C ASN C 32 46.95 -20.06 -0.79
N LEU C 33 47.71 -19.05 -0.33
CA LEU C 33 47.38 -18.33 0.89
C LEU C 33 46.45 -17.17 0.58
N ARG C 34 45.35 -17.10 1.31
CA ARG C 34 44.32 -16.10 1.06
C ARG C 34 43.91 -15.47 2.37
N LEU C 35 43.89 -14.14 2.40
CA LEU C 35 43.41 -13.40 3.57
C LEU C 35 41.89 -13.39 3.56
N ILE C 36 41.29 -13.76 4.68
CA ILE C 36 39.83 -13.78 4.75
C ILE C 36 39.35 -12.39 5.15
N SER C 37 39.66 -11.99 6.39
CA SER C 37 39.27 -10.68 6.89
C SER C 37 40.08 -10.39 8.15
N LYS C 38 39.91 -9.17 8.65
CA LYS C 38 40.54 -8.73 9.88
C LYS C 38 39.51 -8.15 10.83
N PHE C 39 39.88 -8.13 12.12
CA PHE C 39 39.01 -7.68 13.20
C PHE C 39 39.90 -7.15 14.31
N ASP C 40 39.33 -6.27 15.14
CA ASP C 40 40.08 -5.80 16.31
C ASP C 40 39.18 -5.50 17.50
N THR C 41 38.02 -6.17 17.60
CA THR C 41 37.14 -6.10 18.76
C THR C 41 36.67 -7.51 19.09
N VAL C 42 36.22 -7.70 20.33
CA VAL C 42 35.66 -8.99 20.73
C VAL C 42 34.48 -9.36 19.86
N GLU C 43 33.58 -8.41 19.62
CA GLU C 43 32.35 -8.70 18.90
C GLU C 43 32.63 -9.12 17.46
N ASP C 44 33.59 -8.45 16.80
CA ASP C 44 33.87 -8.79 15.41
C ASP C 44 34.62 -10.11 15.30
N PHE C 45 35.37 -10.48 16.33
CA PHE C 45 35.96 -11.82 16.37
C PHE C 45 34.86 -12.88 16.35
N TRP C 46 33.86 -12.74 17.23
CA TRP C 46 32.82 -13.76 17.30
C TRP C 46 31.95 -13.77 16.04
N ALA C 47 31.69 -12.60 15.45
CA ALA C 47 30.96 -12.57 14.19
C ALA C 47 31.70 -13.38 13.10
N LEU C 48 33.02 -13.25 13.08
CA LEU C 48 33.80 -14.01 12.10
C LEU C 48 33.81 -15.50 12.45
N TYR C 49 34.19 -15.84 13.69
CA TYR C 49 34.25 -17.23 14.12
C TYR C 49 32.91 -17.93 13.91
N ASN C 50 31.80 -17.26 14.22
CA ASN C 50 30.49 -17.92 14.09
C ASN C 50 30.09 -18.11 12.65
N HIS C 51 30.78 -17.44 11.72
CA HIS C 51 30.45 -17.44 10.30
C HIS C 51 31.15 -18.56 9.53
N ILE C 52 32.28 -19.04 10.03
CA ILE C 52 33.16 -19.89 9.23
C ILE C 52 33.12 -21.32 9.75
N GLN C 53 33.59 -22.24 8.90
CA GLN C 53 33.59 -23.65 9.21
C GLN C 53 34.46 -23.95 10.43
N LEU C 54 34.01 -24.86 11.27
CA LEU C 54 34.91 -25.45 12.25
C LEU C 54 36.03 -26.17 11.51
N SER C 55 37.23 -26.17 12.13
CA SER C 55 38.39 -26.75 11.47
C SER C 55 38.19 -28.24 11.22
N SER C 56 37.44 -28.92 12.10
CA SER C 56 37.19 -30.33 11.92
C SER C 56 36.33 -30.64 10.70
N ASN C 57 35.67 -29.63 10.12
CA ASN C 57 34.90 -29.79 8.90
C ASN C 57 35.64 -29.32 7.66
N LEU C 58 36.87 -28.80 7.80
CA LEU C 58 37.60 -28.40 6.61
C LEU C 58 38.15 -29.61 5.86
N MET C 59 38.23 -29.47 4.54
CA MET C 59 38.79 -30.51 3.69
C MET C 59 40.27 -30.75 4.00
N PRO C 60 40.72 -32.01 3.95
CA PRO C 60 42.16 -32.30 4.05
C PRO C 60 43.00 -31.39 3.17
N GLY C 61 44.11 -30.89 3.73
CA GLY C 61 45.01 -30.02 3.01
C GLY C 61 44.83 -28.54 3.27
N CYS C 62 43.86 -28.16 4.10
CA CYS C 62 43.56 -26.76 4.38
C CYS C 62 44.15 -26.32 5.71
N ASP C 63 44.36 -25.00 5.82
CA ASP C 63 44.78 -24.34 7.05
C ASP C 63 43.91 -23.13 7.34
N TYR C 64 43.76 -22.84 8.62
CA TYR C 64 43.42 -21.52 9.14
C TYR C 64 44.68 -20.95 9.77
N SER C 65 44.85 -19.64 9.65
CA SER C 65 45.92 -18.95 10.35
C SER C 65 45.36 -17.65 10.93
N LEU C 66 45.67 -17.37 12.19
CA LEU C 66 45.34 -16.10 12.80
C LEU C 66 46.63 -15.43 13.24
N PHE C 67 46.97 -14.31 12.60
CA PHE C 67 48.19 -13.59 12.90
C PHE C 67 47.88 -12.11 13.11
N LYS C 68 48.68 -11.49 13.98
CA LYS C 68 48.60 -10.05 14.18
C LYS C 68 48.74 -9.34 12.85
N ASP C 69 47.92 -8.31 12.67
CA ASP C 69 47.91 -7.54 11.44
C ASP C 69 49.31 -7.08 11.07
N GLY C 70 49.69 -7.32 9.82
CA GLY C 70 50.98 -6.96 9.30
C GLY C 70 52.00 -8.09 9.26
N ILE C 71 51.71 -9.24 9.88
CA ILE C 71 52.59 -10.39 9.88
C ILE C 71 51.91 -11.49 9.08
N GLU C 72 52.53 -11.89 7.98
CA GLU C 72 51.99 -12.96 7.17
C GLU C 72 52.36 -14.32 7.76
N PRO C 73 51.46 -15.32 7.62
CA PRO C 73 51.70 -16.66 8.19
C PRO C 73 52.69 -17.53 7.39
N MET C 74 53.89 -17.00 7.14
CA MET C 74 54.93 -17.77 6.46
C MET C 74 56.28 -17.44 7.08
N TRP C 75 57.20 -18.43 7.05
CA TRP C 75 58.52 -18.27 7.65
C TRP C 75 59.20 -17.00 7.17
N GLU C 76 58.98 -16.62 5.91
CA GLU C 76 59.78 -15.58 5.29
C GLU C 76 59.45 -14.19 5.81
N ASP C 77 58.38 -14.05 6.61
CA ASP C 77 58.08 -12.76 7.20
C ASP C 77 59.21 -12.36 8.14
N GLU C 78 59.52 -11.05 8.17
CA GLU C 78 60.58 -10.55 9.03
C GLU C 78 60.38 -10.97 10.48
N LYS C 79 59.13 -11.09 10.93
CA LYS C 79 58.81 -11.48 12.29
C LYS C 79 58.70 -12.98 12.50
N ASN C 80 58.86 -13.79 11.45
CA ASN C 80 58.85 -15.24 11.62
C ASN C 80 60.23 -15.84 11.33
N GLY C 84 59.96 -19.43 15.69
CA GLY C 84 59.60 -20.83 15.81
C GLY C 84 58.12 -21.10 16.06
N ARG C 85 57.82 -22.28 16.59
CA ARG C 85 56.44 -22.70 16.81
C ARG C 85 56.39 -23.64 18.02
N TRP C 86 55.48 -23.39 18.94
CA TRP C 86 55.08 -24.42 19.89
C TRP C 86 54.00 -25.26 19.23
N LEU C 87 54.28 -26.53 18.98
CA LEU C 87 53.46 -27.37 18.10
C LEU C 87 52.65 -28.38 18.91
N ILE C 88 51.34 -28.46 18.62
CA ILE C 88 50.43 -29.45 19.19
C ILE C 88 50.10 -30.45 18.11
N THR C 89 50.43 -31.72 18.33
CA THR C 89 50.12 -32.79 17.40
C THR C 89 48.91 -33.57 17.91
N LEU C 90 47.93 -33.75 17.04
CA LEU C 90 46.71 -34.48 17.35
C LEU C 90 46.59 -35.67 16.41
N ASN C 91 46.22 -36.84 16.95
CA ASN C 91 45.96 -38.00 16.12
C ASN C 91 44.55 -37.91 15.53
N LYS C 92 44.18 -38.92 14.73
CA LYS C 92 42.90 -38.87 14.02
C LYS C 92 41.74 -38.93 14.99
N GLN C 93 41.93 -39.56 16.15
CA GLN C 93 40.86 -39.56 17.16
C GLN C 93 40.70 -38.19 17.81
N GLN C 94 41.80 -37.43 17.97
CA GLN C 94 41.67 -36.13 18.61
C GLN C 94 41.17 -35.04 17.68
N ARG C 95 41.06 -35.29 16.38
CA ARG C 95 40.35 -34.37 15.51
C ARG C 95 38.90 -34.23 15.97
N ARG C 96 38.26 -35.36 16.27
CA ARG C 96 36.88 -35.31 16.75
C ARG C 96 36.82 -34.74 18.17
N SER C 97 37.77 -35.11 19.01
CA SER C 97 37.68 -34.85 20.45
C SER C 97 38.24 -33.50 20.86
N ASP C 98 39.37 -33.08 20.29
CA ASP C 98 40.07 -31.92 20.81
C ASP C 98 40.36 -30.83 19.79
N LEU C 99 40.30 -31.11 18.47
CA LEU C 99 40.76 -30.16 17.47
C LEU C 99 40.07 -28.81 17.60
N ASP C 100 38.73 -28.80 17.54
CA ASP C 100 38.00 -27.53 17.54
C ASP C 100 38.13 -26.81 18.86
N ARG C 101 38.07 -27.54 19.99
CA ARG C 101 38.20 -26.84 21.26
C ARG C 101 39.63 -26.37 21.48
N PHE C 102 40.64 -27.13 21.02
CA PHE C 102 42.00 -26.64 21.11
C PHE C 102 42.16 -25.36 20.30
N TRP C 103 41.57 -25.33 19.09
CA TRP C 103 41.74 -24.18 18.22
C TRP C 103 41.04 -22.95 18.79
N LEU C 104 39.84 -23.12 19.33
CA LEU C 104 39.14 -21.95 19.84
C LEU C 104 39.86 -21.33 21.03
N GLU C 105 40.31 -22.17 21.97
CA GLU C 105 41.13 -21.68 23.07
C GLU C 105 42.43 -21.07 22.58
N THR C 106 43.02 -21.62 21.51
CA THR C 106 44.21 -20.99 20.96
C THR C 106 43.89 -19.59 20.46
N LEU C 107 42.79 -19.46 19.70
CA LEU C 107 42.32 -18.15 19.25
C LEU C 107 42.12 -17.18 20.41
N LEU C 108 41.49 -17.67 21.49
CA LEU C 108 41.22 -16.81 22.64
C LEU C 108 42.50 -16.43 23.37
N CYS C 109 43.49 -17.33 23.41
CA CYS C 109 44.79 -16.98 23.98
C CYS C 109 45.45 -15.83 23.22
N LEU C 110 45.29 -15.81 21.90
CA LEU C 110 45.93 -14.78 21.10
C LEU C 110 45.22 -13.44 21.29
N ILE C 111 43.94 -13.38 20.95
CA ILE C 111 43.24 -12.10 20.96
C ILE C 111 43.08 -11.60 22.39
N GLY C 112 43.07 -12.50 23.37
CA GLY C 112 42.99 -12.14 24.77
C GLY C 112 44.31 -11.82 25.44
N GLU C 113 45.43 -11.88 24.71
CA GLU C 113 46.74 -11.53 25.25
C GLU C 113 47.03 -12.31 26.54
N SER C 114 46.91 -13.64 26.45
CA SER C 114 46.88 -14.44 27.66
C SER C 114 48.26 -14.70 28.26
N PHE C 115 49.34 -14.31 27.60
CA PHE C 115 50.67 -14.64 28.05
C PHE C 115 51.38 -13.45 28.71
N ASP C 116 50.60 -12.54 29.30
CA ASP C 116 51.10 -11.48 30.19
C ASP C 116 52.04 -10.57 29.40
N ASP C 117 53.18 -10.20 29.98
CA ASP C 117 54.13 -9.31 29.32
C ASP C 117 54.87 -9.99 28.17
N TYR C 118 54.79 -11.30 28.06
CA TYR C 118 55.40 -12.02 26.95
C TYR C 118 54.46 -12.17 25.76
N SER C 119 53.25 -11.60 25.86
CA SER C 119 52.31 -11.62 24.74
C SER C 119 52.88 -10.89 23.53
N ASP C 120 53.76 -9.90 23.76
CA ASP C 120 54.37 -9.16 22.65
C ASP C 120 55.29 -10.03 21.81
N ASP C 121 55.61 -11.24 22.27
CA ASP C 121 56.39 -12.17 21.47
C ASP C 121 55.54 -13.04 20.55
N VAL C 122 54.23 -13.08 20.78
CA VAL C 122 53.33 -13.90 19.98
C VAL C 122 53.16 -13.29 18.59
N CYS C 123 53.34 -14.10 17.56
CA CYS C 123 53.04 -13.68 16.19
C CYS C 123 51.65 -14.14 15.74
N GLY C 124 51.32 -15.41 15.96
CA GLY C 124 50.03 -15.91 15.54
C GLY C 124 49.96 -17.41 15.74
N ALA C 125 48.94 -18.01 15.13
CA ALA C 125 48.72 -19.45 15.25
C ALA C 125 48.23 -20.00 13.92
N VAL C 126 48.48 -21.30 13.74
CA VAL C 126 48.12 -22.04 12.53
C VAL C 126 47.51 -23.36 12.94
N VAL C 127 46.39 -23.73 12.32
CA VAL C 127 45.86 -25.08 12.38
C VAL C 127 45.92 -25.66 10.98
N ASN C 128 46.58 -26.81 10.85
CA ASN C 128 46.61 -27.58 9.62
C ASN C 128 45.69 -28.78 9.74
N VAL C 129 44.78 -28.94 8.78
CA VAL C 129 43.93 -30.12 8.69
C VAL C 129 44.59 -31.09 7.70
N ARG C 130 45.01 -32.26 8.18
CA ARG C 130 45.70 -33.21 7.31
C ARG C 130 45.32 -34.65 7.64
N ALA C 131 45.38 -35.48 6.60
CA ALA C 131 45.00 -36.88 6.73
C ALA C 131 45.90 -37.63 7.70
N LYS C 132 47.20 -37.37 7.64
CA LYS C 132 48.13 -38.09 8.51
C LYS C 132 48.05 -37.62 9.95
N GLY C 133 47.27 -36.57 10.23
CA GLY C 133 47.18 -36.00 11.54
C GLY C 133 47.17 -34.49 11.44
N ASP C 134 46.27 -33.84 12.17
CA ASP C 134 46.19 -32.39 12.12
C ASP C 134 47.17 -31.78 13.14
N LYS C 135 47.43 -30.48 12.97
CA LYS C 135 48.31 -29.75 13.87
C LYS C 135 47.74 -28.38 14.21
N ILE C 136 48.05 -27.91 15.43
CA ILE C 136 47.86 -26.54 15.85
C ILE C 136 49.18 -26.04 16.41
N ALA C 137 49.53 -24.80 16.09
CA ALA C 137 50.82 -24.26 16.54
C ALA C 137 50.67 -22.78 16.85
N ILE C 138 51.32 -22.35 17.94
CA ILE C 138 51.48 -20.93 18.24
C ILE C 138 52.87 -20.51 17.78
N TRP C 139 52.92 -19.47 16.95
CA TRP C 139 54.17 -18.95 16.42
C TRP C 139 54.62 -17.78 17.29
N THR C 140 55.90 -17.78 17.64
CA THR C 140 56.53 -16.74 18.44
C THR C 140 57.70 -16.17 17.65
N THR C 141 58.17 -14.99 18.06
CA THR C 141 58.96 -14.13 17.18
C THR C 141 60.45 -14.44 17.15
N GLU C 142 61.01 -15.01 18.21
CA GLU C 142 62.47 -15.15 18.29
C GLU C 142 62.79 -16.48 18.95
N CYS C 143 63.25 -17.45 18.15
CA CYS C 143 63.49 -18.78 18.69
C CYS C 143 64.58 -18.80 19.74
N GLU C 144 65.29 -17.69 19.95
CA GLU C 144 66.35 -17.58 20.94
C GLU C 144 65.91 -16.87 22.21
N ASN C 145 64.68 -16.39 22.30
CA ASN C 145 64.19 -15.73 23.51
C ASN C 145 63.61 -16.80 24.43
N ARG C 146 64.48 -17.42 25.22
CA ARG C 146 64.09 -18.56 26.05
C ARG C 146 63.02 -18.18 27.07
N ASP C 147 63.19 -17.04 27.74
CA ASP C 147 62.26 -16.67 28.81
C ASP C 147 60.84 -16.52 28.28
N ALA C 148 60.68 -15.82 27.15
CA ALA C 148 59.36 -15.64 26.58
C ALA C 148 58.80 -16.97 26.08
N VAL C 149 59.61 -17.72 25.33
CA VAL C 149 59.16 -18.98 24.76
C VAL C 149 58.66 -19.92 25.85
N THR C 150 59.42 -20.04 26.94
CA THR C 150 59.07 -20.98 28.00
C THR C 150 57.80 -20.58 28.71
N HIS C 151 57.67 -19.29 29.05
CA HIS C 151 56.47 -18.84 29.74
C HIS C 151 55.24 -19.00 28.85
N ILE C 152 55.37 -18.66 27.56
CA ILE C 152 54.27 -18.87 26.63
C ILE C 152 53.91 -20.35 26.54
N GLY C 153 54.93 -21.22 26.46
CA GLY C 153 54.65 -22.64 26.32
C GLY C 153 53.96 -23.25 27.53
N ARG C 154 54.40 -22.87 28.74
CA ARG C 154 53.75 -23.37 29.94
C ARG C 154 52.32 -22.84 30.05
N VAL C 155 52.13 -21.54 29.82
CA VAL C 155 50.79 -20.95 29.90
C VAL C 155 49.88 -21.60 28.87
N TYR C 156 50.38 -21.78 27.64
CA TYR C 156 49.59 -22.42 26.59
C TYR C 156 49.14 -23.80 27.03
N LYS C 157 50.08 -24.61 27.51
CA LYS C 157 49.74 -25.97 27.94
C LYS C 157 48.70 -25.92 29.05
N GLU C 158 48.79 -24.92 29.93
CA GLU C 158 47.85 -24.82 31.05
C GLU C 158 46.45 -24.45 30.58
N ARG C 159 46.35 -23.53 29.61
CA ARG C 159 45.03 -23.13 29.13
C ARG C 159 44.35 -24.22 28.31
N LEU C 160 45.14 -25.06 27.63
CA LEU C 160 44.57 -26.20 26.92
C LEU C 160 44.14 -27.32 27.85
N GLY C 161 44.66 -27.35 29.08
CA GLY C 161 44.33 -28.42 30.00
C GLY C 161 45.08 -29.71 29.83
N LEU C 162 46.20 -29.72 29.12
CA LEU C 162 46.93 -30.96 28.94
C LEU C 162 47.63 -31.39 30.23
N PRO C 163 47.58 -32.67 30.57
CA PRO C 163 48.21 -33.17 31.78
C PRO C 163 49.71 -33.24 31.60
N PRO C 164 50.47 -33.11 32.71
CA PRO C 164 51.95 -33.17 32.62
C PRO C 164 52.48 -34.41 31.89
N LYS C 165 51.62 -35.40 31.70
CA LYS C 165 52.03 -36.57 30.90
C LYS C 165 52.20 -36.19 29.43
N ILE C 166 51.39 -35.29 28.91
CA ILE C 166 51.50 -34.88 27.52
C ILE C 166 52.63 -33.86 27.41
N VAL C 167 53.42 -33.97 26.35
CA VAL C 167 54.56 -33.10 26.12
C VAL C 167 54.35 -32.40 24.78
N ILE C 168 54.61 -31.09 24.76
CA ILE C 168 54.54 -30.32 23.52
C ILE C 168 55.90 -29.69 23.27
N GLY C 169 56.28 -29.60 22.00
CA GLY C 169 57.61 -29.15 21.68
C GLY C 169 57.66 -27.87 20.90
N TYR C 170 58.77 -27.16 20.99
CA TYR C 170 58.97 -25.91 20.26
C TYR C 170 60.03 -26.12 19.19
N GLN C 171 59.66 -25.89 17.94
CA GLN C 171 60.57 -26.05 16.80
C GLN C 171 60.83 -24.68 16.17
N SER C 172 62.07 -24.46 15.74
CA SER C 172 62.42 -23.22 15.06
C SER C 172 61.93 -23.23 13.62
N HIS C 173 61.61 -22.04 13.11
CA HIS C 173 61.16 -21.91 11.74
C HIS C 173 62.33 -21.95 10.77
N GLU D 5 -31.44 -7.67 -22.75
CA GLU D 5 -32.58 -7.61 -21.85
C GLU D 5 -32.15 -7.47 -20.38
N HIS D 6 -31.10 -8.19 -19.99
CA HIS D 6 -30.66 -8.18 -18.61
C HIS D 6 -29.77 -7.01 -18.27
N TYR D 7 -29.70 -6.00 -19.14
CA TYR D 7 -28.87 -4.83 -18.88
C TYR D 7 -29.48 -3.52 -19.38
N ILE D 8 -30.62 -3.55 -20.07
CA ILE D 8 -31.25 -2.35 -20.58
C ILE D 8 -32.30 -1.91 -19.57
N LYS D 9 -32.33 -0.62 -19.27
CA LYS D 9 -33.42 -0.12 -18.45
C LYS D 9 -34.73 -0.23 -19.22
N HIS D 10 -35.84 -0.21 -18.49
CA HIS D 10 -37.13 -0.37 -19.14
C HIS D 10 -37.74 0.99 -19.43
N PRO D 11 -37.78 1.40 -20.71
CA PRO D 11 -38.22 2.75 -21.05
C PRO D 11 -39.68 2.99 -20.73
N LEU D 12 -39.95 4.18 -20.22
CA LEU D 12 -41.32 4.64 -20.12
C LEU D 12 -41.78 5.24 -21.46
N GLN D 13 -43.11 5.28 -21.64
CA GLN D 13 -43.64 5.85 -22.86
C GLN D 13 -43.46 7.36 -22.89
N ASN D 14 -43.41 8.01 -21.73
CA ASN D 14 -43.16 9.44 -21.66
C ASN D 14 -41.98 9.73 -20.77
N ARG D 15 -41.34 10.88 -21.00
CA ARG D 15 -40.43 11.41 -19.99
C ARG D 15 -41.23 12.26 -19.00
N TRP D 16 -40.95 12.08 -17.73
CA TRP D 16 -41.74 12.72 -16.68
C TRP D 16 -40.84 13.64 -15.85
N ALA D 17 -41.44 14.70 -15.31
CA ALA D 17 -40.74 15.66 -14.47
C ALA D 17 -41.43 15.72 -13.13
N LEU D 18 -40.64 15.61 -12.06
CA LEU D 18 -41.14 15.75 -10.70
C LEU D 18 -40.85 17.16 -10.21
N TRP D 19 -41.87 17.83 -9.68
CA TRP D 19 -41.75 19.19 -9.21
C TRP D 19 -42.06 19.24 -7.72
N PHE D 20 -41.44 20.20 -7.03
CA PHE D 20 -41.68 20.46 -5.62
C PHE D 20 -42.09 21.91 -5.43
N PHE D 21 -43.01 22.14 -4.51
CA PHE D 21 -43.45 23.46 -4.12
C PHE D 21 -43.49 23.53 -2.61
N LYS D 22 -42.88 24.57 -2.03
CA LYS D 22 -42.95 24.81 -0.60
C LYS D 22 -43.48 26.22 -0.39
N ASN D 23 -44.57 26.32 0.37
CA ASN D 23 -45.14 27.63 0.66
C ASN D 23 -44.09 28.50 1.34
N ASP D 24 -43.72 29.60 0.69
CA ASP D 24 -42.87 30.62 1.28
C ASP D 24 -43.44 31.97 0.88
N LYS D 25 -43.88 32.75 1.87
CA LYS D 25 -44.62 33.97 1.61
C LYS D 25 -43.76 35.09 1.04
N SER D 26 -42.44 35.06 1.27
CA SER D 26 -41.56 36.11 0.78
C SER D 26 -41.30 36.01 -0.71
N LYS D 27 -41.88 35.03 -1.39
CA LYS D 27 -41.72 34.85 -2.82
C LYS D 27 -43.09 34.80 -3.47
N THR D 28 -43.13 35.15 -4.75
CA THR D 28 -44.33 34.88 -5.52
C THR D 28 -44.53 33.37 -5.61
N TRP D 29 -45.78 32.95 -5.84
CA TRP D 29 -46.08 31.53 -5.87
C TRP D 29 -45.27 30.81 -6.95
N GLN D 30 -45.17 31.42 -8.15
CA GLN D 30 -44.42 30.81 -9.23
C GLN D 30 -42.93 30.64 -8.88
N ALA D 31 -42.38 31.57 -8.10
CA ALA D 31 -40.98 31.47 -7.71
C ALA D 31 -40.70 30.35 -6.72
N ASN D 32 -41.75 29.81 -6.07
CA ASN D 32 -41.58 28.66 -5.18
C ASN D 32 -41.78 27.31 -5.86
N LEU D 33 -42.17 27.29 -7.13
CA LEU D 33 -42.36 26.03 -7.85
C LEU D 33 -40.99 25.64 -8.40
N ARG D 34 -40.54 24.43 -8.07
CA ARG D 34 -39.18 24.02 -8.37
C ARG D 34 -39.14 22.64 -8.99
N LEU D 35 -38.42 22.52 -10.09
CA LEU D 35 -38.21 21.23 -10.74
C LEU D 35 -37.12 20.45 -10.02
N ILE D 36 -37.41 19.20 -9.67
CA ILE D 36 -36.48 18.35 -8.93
C ILE D 36 -35.58 17.60 -9.91
N SER D 37 -36.15 16.69 -10.69
CA SER D 37 -35.41 15.95 -11.68
C SER D 37 -36.40 15.32 -12.67
N LYS D 38 -35.85 14.68 -13.70
CA LYS D 38 -36.63 14.01 -14.72
C LYS D 38 -36.19 12.56 -14.85
N PHE D 39 -37.07 11.74 -15.40
CA PHE D 39 -36.79 10.32 -15.60
C PHE D 39 -37.64 9.82 -16.75
N ASP D 40 -37.18 8.76 -17.42
CA ASP D 40 -38.01 8.16 -18.46
C ASP D 40 -37.84 6.64 -18.52
N THR D 41 -37.44 6.02 -17.41
CA THR D 41 -37.40 4.57 -17.30
C THR D 41 -37.99 4.17 -15.96
N VAL D 42 -38.43 2.91 -15.88
CA VAL D 42 -38.94 2.37 -14.62
C VAL D 42 -37.88 2.46 -13.54
N GLU D 43 -36.63 2.08 -13.88
CA GLU D 43 -35.57 2.07 -12.87
C GLU D 43 -35.29 3.46 -12.33
N ASP D 44 -35.30 4.48 -13.19
CA ASP D 44 -35.00 5.80 -12.65
C ASP D 44 -36.18 6.39 -11.89
N PHE D 45 -37.40 5.97 -12.22
CA PHE D 45 -38.53 6.37 -11.40
C PHE D 45 -38.36 5.88 -9.99
N TRP D 46 -38.04 4.58 -9.81
CA TRP D 46 -37.95 4.03 -8.46
C TRP D 46 -36.77 4.62 -7.70
N ALA D 47 -35.65 4.86 -8.40
CA ALA D 47 -34.50 5.51 -7.77
C ALA D 47 -34.88 6.89 -7.24
N LEU D 48 -35.68 7.64 -8.00
CA LEU D 48 -36.12 8.94 -7.51
C LEU D 48 -37.14 8.76 -6.37
N TYR D 49 -38.15 7.91 -6.57
CA TYR D 49 -39.17 7.72 -5.53
C TYR D 49 -38.54 7.27 -4.21
N ASN D 50 -37.57 6.36 -4.27
CA ASN D 50 -36.98 5.82 -3.04
C ASN D 50 -36.09 6.81 -2.33
N HIS D 51 -35.67 7.90 -3.00
CA HIS D 51 -34.80 8.90 -2.41
C HIS D 51 -35.53 10.02 -1.71
N ILE D 52 -36.81 10.23 -2.00
CA ILE D 52 -37.50 11.43 -1.55
C ILE D 52 -38.52 11.08 -0.46
N GLN D 53 -38.93 12.11 0.26
CA GLN D 53 -39.88 11.96 1.37
C GLN D 53 -41.23 11.46 0.88
N LEU D 54 -41.85 10.58 1.66
CA LEU D 54 -43.26 10.28 1.46
C LEU D 54 -44.08 11.55 1.64
N SER D 55 -45.20 11.64 0.92
CA SER D 55 -46.02 12.85 0.96
C SER D 55 -46.54 13.10 2.36
N SER D 56 -46.78 12.05 3.13
CA SER D 56 -47.30 12.16 4.49
C SER D 56 -46.29 12.75 5.47
N ASN D 57 -45.02 12.88 5.08
CA ASN D 57 -44.00 13.52 5.91
C ASN D 57 -43.59 14.91 5.39
N LEU D 58 -44.29 15.44 4.39
CA LEU D 58 -44.03 16.81 3.98
C LEU D 58 -44.67 17.82 4.92
N MET D 59 -43.99 18.96 5.02
CA MET D 59 -44.51 20.10 5.79
C MET D 59 -45.83 20.59 5.18
N PRO D 60 -46.82 20.93 5.99
CA PRO D 60 -48.00 21.63 5.47
C PRO D 60 -47.55 22.81 4.61
N GLY D 61 -48.24 23.00 3.50
CA GLY D 61 -47.91 24.04 2.55
C GLY D 61 -47.09 23.58 1.34
N CYS D 62 -46.73 22.31 1.30
CA CYS D 62 -45.93 21.73 0.23
C CYS D 62 -46.76 20.87 -0.72
N ASP D 63 -46.27 20.75 -1.95
CA ASP D 63 -46.84 19.87 -2.97
C ASP D 63 -45.74 19.08 -3.67
N TYR D 64 -46.09 17.89 -4.15
CA TYR D 64 -45.40 17.22 -5.23
C TYR D 64 -46.28 17.27 -6.47
N SER D 65 -45.65 17.39 -7.64
CA SER D 65 -46.38 17.22 -8.90
C SER D 65 -45.49 16.44 -9.85
N LEU D 66 -46.09 15.50 -10.57
CA LEU D 66 -45.42 14.76 -11.63
C LEU D 66 -46.13 15.08 -12.94
N PHE D 67 -45.41 15.73 -13.86
CA PHE D 67 -45.97 16.15 -15.14
C PHE D 67 -45.11 15.68 -16.30
N LYS D 68 -45.77 15.45 -17.43
CA LYS D 68 -45.07 15.15 -18.66
C LYS D 68 -44.07 16.25 -18.97
N ASP D 69 -42.86 15.86 -19.37
CA ASP D 69 -41.82 16.83 -19.68
C ASP D 69 -42.35 17.83 -20.70
N GLY D 70 -42.14 19.10 -20.42
CA GLY D 70 -42.67 20.15 -21.26
C GLY D 70 -43.95 20.79 -20.77
N ILE D 71 -44.59 20.23 -19.75
CA ILE D 71 -45.79 20.84 -19.19
C ILE D 71 -45.47 21.31 -17.78
N GLU D 72 -45.53 22.62 -17.58
CA GLU D 72 -45.31 23.11 -16.24
C GLU D 72 -46.56 22.89 -15.41
N PRO D 73 -46.40 22.62 -14.08
CA PRO D 73 -47.50 22.32 -13.17
C PRO D 73 -48.35 23.52 -12.75
N MET D 74 -48.83 24.28 -13.72
CA MET D 74 -49.64 25.45 -13.39
C MET D 74 -50.68 25.69 -14.48
N TRP D 75 -51.78 26.37 -14.07
CA TRP D 75 -52.88 26.72 -14.97
C TRP D 75 -52.39 27.36 -16.25
N GLU D 76 -51.34 28.18 -16.17
CA GLU D 76 -50.93 29.03 -17.27
C GLU D 76 -50.20 28.30 -18.37
N ASP D 77 -49.82 27.03 -18.16
CA ASP D 77 -49.24 26.26 -19.25
C ASP D 77 -50.25 26.09 -20.36
N GLU D 78 -49.78 26.20 -21.61
CA GLU D 78 -50.67 26.08 -22.76
C GLU D 78 -51.50 24.81 -22.71
N LYS D 79 -50.91 23.74 -22.19
CA LYS D 79 -51.57 22.45 -22.12
C LYS D 79 -52.41 22.28 -20.85
N ASN D 80 -52.40 23.25 -19.93
CA ASN D 80 -53.31 23.24 -18.78
C ASN D 80 -54.29 24.40 -18.77
N LYS D 81 -54.21 25.31 -19.75
CA LYS D 81 -55.13 26.43 -19.79
C LYS D 81 -56.57 25.96 -19.92
N ARG D 82 -56.81 24.94 -20.75
CA ARG D 82 -58.14 24.49 -21.10
C ARG D 82 -58.55 23.23 -20.37
N GLY D 83 -57.71 22.71 -19.47
CA GLY D 83 -57.97 21.42 -18.87
C GLY D 83 -58.72 21.48 -17.56
N GLY D 84 -58.34 20.59 -16.64
CA GLY D 84 -58.96 20.55 -15.33
C GLY D 84 -58.30 19.47 -14.50
N ARG D 85 -59.00 19.02 -13.46
CA ARG D 85 -58.41 18.05 -12.54
C ARG D 85 -59.47 17.14 -11.91
N TRP D 86 -59.21 15.84 -11.93
CA TRP D 86 -59.96 14.91 -11.09
C TRP D 86 -59.38 14.98 -9.67
N LEU D 87 -60.20 15.41 -8.73
CA LEU D 87 -59.73 15.77 -7.39
C LEU D 87 -60.13 14.71 -6.39
N ILE D 88 -59.17 14.30 -5.58
CA ILE D 88 -59.38 13.38 -4.47
C ILE D 88 -59.20 14.20 -3.21
N THR D 89 -60.23 14.26 -2.37
CA THR D 89 -60.20 14.98 -1.11
C THR D 89 -59.98 14.00 0.03
N LEU D 90 -58.99 14.29 0.88
CA LEU D 90 -58.63 13.47 2.03
C LEU D 90 -58.82 14.25 3.31
N ASN D 91 -59.42 13.62 4.32
CA ASN D 91 -59.50 14.24 5.64
C ASN D 91 -58.18 14.02 6.39
N LYS D 92 -58.09 14.55 7.61
CA LYS D 92 -56.84 14.45 8.35
C LYS D 92 -56.54 13.01 8.73
N GLN D 93 -57.58 12.20 8.96
CA GLN D 93 -57.37 10.78 9.21
CA GLN D 93 -57.36 10.79 9.20
C GLN D 93 -56.86 10.07 7.95
N GLN D 94 -57.29 10.50 6.76
CA GLN D 94 -56.86 9.82 5.55
C GLN D 94 -55.43 10.17 5.15
N ARG D 95 -54.79 11.14 5.81
CA ARG D 95 -53.36 11.34 5.58
C ARG D 95 -52.56 10.14 6.04
N ARG D 96 -52.87 9.63 7.22
CA ARG D 96 -52.13 8.50 7.73
C ARG D 96 -52.46 7.23 6.94
N SER D 97 -53.74 7.07 6.56
CA SER D 97 -54.24 5.84 5.98
C SER D 97 -54.10 5.77 4.46
N ASP D 98 -54.31 6.87 3.76
CA ASP D 98 -54.46 6.82 2.32
C ASP D 98 -53.49 7.69 1.53
N LEU D 99 -52.90 8.72 2.16
CA LEU D 99 -52.15 9.71 1.40
C LEU D 99 -51.05 9.07 0.55
N ASP D 100 -50.14 8.34 1.19
CA ASP D 100 -48.98 7.82 0.47
C ASP D 100 -49.38 6.75 -0.54
N ARG D 101 -50.24 5.84 -0.12
CA ARG D 101 -50.65 4.73 -0.97
C ARG D 101 -51.42 5.23 -2.20
N PHE D 102 -52.36 6.15 -2.00
CA PHE D 102 -53.09 6.76 -3.12
C PHE D 102 -52.13 7.50 -4.05
N TRP D 103 -51.15 8.20 -3.49
CA TRP D 103 -50.23 8.97 -4.32
C TRP D 103 -49.34 8.05 -5.14
N LEU D 104 -48.88 6.95 -4.54
CA LEU D 104 -48.00 6.07 -5.30
C LEU D 104 -48.74 5.40 -6.45
N GLU D 105 -49.97 4.93 -6.21
CA GLU D 105 -50.76 4.36 -7.30
C GLU D 105 -51.02 5.38 -8.39
N THR D 106 -51.23 6.65 -8.01
CA THR D 106 -51.43 7.71 -8.99
C THR D 106 -50.19 7.86 -9.87
N LEU D 107 -49.00 7.94 -9.24
CA LEU D 107 -47.75 7.99 -9.98
C LEU D 107 -47.63 6.82 -10.96
N LEU D 108 -47.97 5.62 -10.52
CA LEU D 108 -47.89 4.45 -11.38
C LEU D 108 -48.92 4.51 -12.50
N CYS D 109 -50.11 5.06 -12.22
CA CYS D 109 -51.08 5.28 -13.29
C CYS D 109 -50.53 6.22 -14.35
N LEU D 110 -49.74 7.22 -13.95
CA LEU D 110 -49.18 8.14 -14.92
C LEU D 110 -48.09 7.47 -15.74
N ILE D 111 -47.02 7.02 -15.09
CA ILE D 111 -45.87 6.50 -15.84
C ILE D 111 -46.22 5.20 -16.55
N GLY D 112 -47.21 4.46 -16.03
CA GLY D 112 -47.70 3.24 -16.63
C GLY D 112 -48.75 3.42 -17.71
N GLU D 113 -49.14 4.65 -18.03
CA GLU D 113 -50.08 4.92 -19.11
C GLU D 113 -51.33 4.06 -18.95
N SER D 114 -51.96 4.15 -17.78
CA SER D 114 -52.95 3.14 -17.43
C SER D 114 -54.31 3.38 -18.08
N PHE D 115 -54.50 4.49 -18.77
CA PHE D 115 -55.83 4.85 -19.26
C PHE D 115 -55.96 4.65 -20.77
N ASP D 116 -55.23 3.68 -21.32
CA ASP D 116 -55.40 3.13 -22.67
C ASP D 116 -55.14 4.24 -23.70
N ASP D 117 -55.97 4.41 -24.72
CA ASP D 117 -55.76 5.41 -25.76
C ASP D 117 -56.00 6.82 -25.26
N TYR D 118 -56.59 6.97 -24.07
CA TYR D 118 -56.83 8.28 -23.49
C TYR D 118 -55.65 8.76 -22.64
N SER D 119 -54.57 7.99 -22.61
CA SER D 119 -53.37 8.40 -21.87
C SER D 119 -52.80 9.69 -22.41
N ASP D 120 -52.96 9.97 -23.71
CA ASP D 120 -52.42 11.21 -24.23
C ASP D 120 -53.12 12.44 -23.67
N ASP D 121 -54.28 12.29 -23.05
CA ASP D 121 -54.94 13.44 -22.45
C ASP D 121 -54.42 13.74 -21.06
N VAL D 122 -53.69 12.81 -20.44
CA VAL D 122 -53.15 13.07 -19.11
C VAL D 122 -52.00 14.06 -19.25
N CYS D 123 -52.03 15.11 -18.42
CA CYS D 123 -50.90 16.03 -18.29
C CYS D 123 -49.99 15.67 -17.13
N GLY D 124 -50.57 15.40 -15.97
CA GLY D 124 -49.80 15.05 -14.80
C GLY D 124 -50.70 14.94 -13.60
N ALA D 125 -50.08 14.92 -12.43
CA ALA D 125 -50.81 14.78 -11.18
C ALA D 125 -50.15 15.64 -10.11
N VAL D 126 -50.94 16.05 -9.12
CA VAL D 126 -50.48 16.93 -8.06
C VAL D 126 -51.01 16.37 -6.74
N VAL D 127 -50.15 16.36 -5.72
CA VAL D 127 -50.58 16.09 -4.35
C VAL D 127 -50.31 17.33 -3.50
N ASN D 128 -51.34 17.83 -2.82
CA ASN D 128 -51.25 18.93 -1.90
C ASN D 128 -51.28 18.41 -0.47
N VAL D 129 -50.25 18.76 0.31
CA VAL D 129 -50.21 18.49 1.75
C VAL D 129 -50.59 19.78 2.47
N ARG D 130 -51.72 19.77 3.18
CA ARG D 130 -52.20 20.98 3.85
C ARG D 130 -52.88 20.64 5.17
N ALA D 131 -52.81 21.60 6.10
CA ALA D 131 -53.37 21.38 7.43
C ALA D 131 -54.87 21.15 7.36
N LYS D 132 -55.56 21.89 6.49
CA LYS D 132 -57.01 21.75 6.39
C LYS D 132 -57.42 20.46 5.70
N GLY D 133 -56.48 19.70 5.14
CA GLY D 133 -56.80 18.50 4.40
C GLY D 133 -55.96 18.36 3.14
N ASP D 134 -55.45 17.16 2.89
CA ASP D 134 -54.63 16.98 1.70
C ASP D 134 -55.51 16.67 0.49
N LYS D 135 -54.93 16.84 -0.70
CA LYS D 135 -55.61 16.47 -1.93
C LYS D 135 -54.60 15.83 -2.89
N ILE D 136 -55.12 14.94 -3.72
CA ILE D 136 -54.39 14.42 -4.87
C ILE D 136 -55.28 14.59 -6.09
N ALA D 137 -54.69 15.00 -7.22
CA ALA D 137 -55.45 15.27 -8.44
C ALA D 137 -54.65 14.87 -9.66
N ILE D 138 -55.34 14.25 -10.62
CA ILE D 138 -54.77 14.02 -11.96
C ILE D 138 -55.24 15.14 -12.88
N TRP D 139 -54.30 15.79 -13.55
CA TRP D 139 -54.60 16.89 -14.45
C TRP D 139 -54.73 16.37 -15.88
N THR D 140 -55.77 16.86 -16.56
CA THR D 140 -56.09 16.48 -17.94
C THR D 140 -56.09 17.73 -18.82
N THR D 141 -55.91 17.52 -20.13
CA THR D 141 -55.52 18.59 -21.04
C THR D 141 -56.69 19.37 -21.62
N GLU D 142 -57.87 18.75 -21.74
CA GLU D 142 -59.02 19.37 -22.43
C GLU D 142 -60.27 18.96 -21.66
N CYS D 143 -60.81 19.89 -20.87
CA CYS D 143 -61.95 19.56 -20.01
C CYS D 143 -63.22 19.24 -20.77
N GLU D 144 -63.26 19.44 -22.08
CA GLU D 144 -64.44 19.18 -22.88
C GLU D 144 -64.40 17.85 -23.63
N ASN D 145 -63.29 17.09 -23.54
CA ASN D 145 -63.21 15.78 -24.20
C ASN D 145 -63.81 14.74 -23.25
N ARG D 146 -65.14 14.65 -23.28
CA ARG D 146 -65.86 13.87 -22.28
C ARG D 146 -65.43 12.41 -22.28
N ASP D 147 -65.25 11.82 -23.47
CA ASP D 147 -64.90 10.41 -23.53
C ASP D 147 -63.59 10.15 -22.82
N ALA D 148 -62.57 10.98 -23.06
CA ALA D 148 -61.29 10.81 -22.40
C ALA D 148 -61.38 11.18 -20.91
N VAL D 149 -61.92 12.36 -20.59
CA VAL D 149 -61.99 12.80 -19.20
C VAL D 149 -62.75 11.81 -18.33
N THR D 150 -63.91 11.35 -18.81
CA THR D 150 -64.70 10.41 -18.01
C THR D 150 -64.00 9.06 -17.89
N HIS D 151 -63.37 8.60 -18.98
CA HIS D 151 -62.66 7.33 -18.94
C HIS D 151 -61.52 7.37 -17.94
N ILE D 152 -60.79 8.49 -17.89
CA ILE D 152 -59.71 8.66 -16.92
C ILE D 152 -60.26 8.58 -15.50
N GLY D 153 -61.38 9.27 -15.24
CA GLY D 153 -61.94 9.28 -13.89
C GLY D 153 -62.44 7.91 -13.44
N ARG D 154 -63.06 7.16 -14.35
CA ARG D 154 -63.55 5.83 -13.99
C ARG D 154 -62.40 4.87 -13.69
N VAL D 155 -61.41 4.82 -14.58
CA VAL D 155 -60.27 3.93 -14.36
C VAL D 155 -59.53 4.32 -13.09
N TYR D 156 -59.35 5.63 -12.86
CA TYR D 156 -58.66 6.12 -11.68
C TYR D 156 -59.32 5.62 -10.41
N LYS D 157 -60.64 5.76 -10.30
CA LYS D 157 -61.34 5.31 -9.10
C LYS D 157 -61.18 3.81 -8.91
N GLU D 158 -61.17 3.04 -10.01
CA GLU D 158 -61.02 1.59 -9.89
C GLU D 158 -59.60 1.21 -9.47
N ARG D 159 -58.60 1.95 -9.94
CA ARG D 159 -57.23 1.65 -9.53
C ARG D 159 -56.97 2.06 -8.08
N LEU D 160 -57.66 3.10 -7.58
CA LEU D 160 -57.56 3.49 -6.19
C LEU D 160 -58.30 2.55 -5.25
N GLY D 161 -59.25 1.76 -5.75
CA GLY D 161 -60.03 0.86 -4.91
C GLY D 161 -61.20 1.47 -4.19
N LEU D 162 -61.66 2.65 -4.59
CA LEU D 162 -62.76 3.30 -3.90
C LEU D 162 -64.09 2.61 -4.23
N PRO D 163 -64.99 2.46 -3.25
CA PRO D 163 -66.30 1.84 -3.51
C PRO D 163 -67.21 2.79 -4.26
N PRO D 164 -68.16 2.28 -5.06
CA PRO D 164 -69.09 3.16 -5.77
C PRO D 164 -69.83 4.12 -4.86
N LYS D 165 -69.76 3.90 -3.54
CA LYS D 165 -70.34 4.88 -2.62
C LYS D 165 -69.54 6.18 -2.64
N ILE D 166 -68.22 6.10 -2.81
CA ILE D 166 -67.41 7.30 -2.84
C ILE D 166 -67.56 7.94 -4.21
N VAL D 167 -67.67 9.27 -4.23
CA VAL D 167 -67.83 10.02 -5.46
C VAL D 167 -66.69 11.00 -5.56
N ILE D 168 -66.09 11.09 -6.76
CA ILE D 168 -65.04 12.05 -7.04
C ILE D 168 -65.51 12.91 -8.20
N GLY D 169 -65.08 14.17 -8.20
CA GLY D 169 -65.52 15.15 -9.18
C GLY D 169 -64.39 15.75 -10.00
N TYR D 170 -64.72 16.24 -11.19
CA TYR D 170 -63.76 16.89 -12.08
C TYR D 170 -64.09 18.38 -12.17
N GLN D 171 -63.09 19.22 -11.86
CA GLN D 171 -63.18 20.67 -11.92
C GLN D 171 -62.25 21.19 -13.02
N SER D 172 -62.64 22.29 -13.66
CA SER D 172 -61.82 22.84 -14.76
C SER D 172 -60.52 23.48 -14.27
C2 WZO E . -10.80 -17.24 -19.66
C8 WZO E . -12.54 -15.14 -16.15
C4 WZO E . -11.84 -16.45 -17.71
C5 WZO E . -11.41 -15.16 -17.99
C6 WZO E . -10.67 -14.92 -19.16
OC2 WZO E . -15.48 -14.16 -12.34
PC WZO E . -13.98 -14.14 -12.20
OC1 WZO E . -13.33 -12.89 -12.77
OBC WZO E . -13.45 -14.25 -10.70
PB WZO E . -14.43 -14.06 -9.45
OB WZO E . -13.69 -14.49 -8.25
SB WZO E . -14.96 -12.21 -9.37
OAB WZO E . -15.70 -14.97 -9.81
PA WZO E . -16.58 -15.72 -8.72
OA2 WZO E . -17.90 -16.24 -9.49
OA1 WZO E . -15.76 -16.86 -8.17
OA3 WZO E . -16.96 -14.74 -7.63
O5' WZO E . -13.52 -15.46 -12.98
C5' WZO E . -14.22 -16.66 -12.68
C4' WZO E . -13.75 -17.69 -13.69
C3' WZO E . -12.23 -17.71 -13.79
O3' WZO E . -11.65 -18.58 -12.81
C2' WZO E . -12.04 -18.30 -15.16
O2' WZO E . -12.30 -19.70 -15.02
CM2 WZO E . -12.48 -20.40 -16.24
C1' WZO E . -13.13 -17.63 -15.95
O4' WZO E . -14.18 -17.32 -15.01
N9 WZO E . -12.53 -16.41 -16.58
N3 WZO E . -11.53 -17.47 -18.54
N2 WZO E . -10.52 -18.29 -20.46
N1 WZO E . -10.38 -15.98 -19.96
O6 WZO E . -10.19 -13.69 -19.55
N7 WZO E . -11.86 -14.35 -17.01
CM7 WZO E . -11.69 -12.88 -16.81
C1 GOL F . -11.20 -1.33 -0.36
O1 GOL F . -10.21 -2.16 0.22
C2 GOL F . -10.66 -0.63 -1.61
O2 GOL F . -10.05 -1.55 -2.50
C3 GOL F . -11.82 0.06 -2.30
O3 GOL F . -12.42 0.98 -1.43
C2 WZO G . 8.36 11.95 24.43
C8 WZO G . 8.97 7.90 22.67
C4 WZO G . 8.53 9.69 23.81
C5 WZO G . 9.10 10.06 22.61
C6 WZO G . 9.31 11.41 22.33
OC2 WZO G . 9.61 3.14 22.48
PC WZO G . 8.56 3.76 21.59
OC1 WZO G . 9.08 4.64 20.49
OBC WZO G . 7.53 2.71 20.93
PB WZO G . 7.62 1.14 21.24
OB WZO G . 6.29 0.54 21.11
SB WZO G . 8.90 0.38 20.01
OAB WZO G . 8.17 1.03 22.76
PA WZO G . 7.94 -0.24 23.68
OA2 WZO G . 8.94 -0.12 24.95
OA1 WZO G . 6.49 -0.25 24.11
OA3 WZO G . 8.26 -1.50 22.90
O5' WZO G . 7.74 4.66 22.63
C5' WZO G . 7.47 4.18 23.95
C4' WZO G . 7.17 5.39 24.80
C3' WZO G . 6.13 6.28 24.15
O3' WZO G . 4.81 5.84 24.45
C2' WZO G . 6.40 7.62 24.80
O2' WZO G . 5.81 7.65 26.09
CM2 WZO G . 4.85 8.68 26.17
C1' WZO G . 7.91 7.61 24.96
O4' WZO G . 8.32 6.24 24.95
N9 WZO G . 8.47 8.38 23.82
N3 WZO G . 8.19 10.65 24.71
N2 WZO G . 8.00 12.88 25.35
N1 WZO G . 8.91 12.33 23.25
O6 WZO G . 9.83 11.88 21.18
N7 WZO G . 9.35 8.94 21.90
CM7 WZO G . 9.97 8.79 20.55
C1 GOL H . 10.02 -5.44 5.47
O1 GOL H . 11.38 -5.48 5.86
C2 GOL H . 9.24 -4.63 6.49
O2 GOL H . 8.11 -5.35 6.91
C3 GOL H . 8.73 -3.33 5.90
O3 GOL H . 7.96 -2.67 6.88
C2 WZO I . 56.96 -21.46 1.89
C8 WZO I . 54.60 -24.56 4.03
C4 WZO I . 55.79 -23.33 2.71
C5 WZO I . 55.46 -22.61 3.83
C6 WZO I . 55.89 -21.29 3.99
OC2 WZO I . 51.72 -28.24 5.67
PC WZO I . 53.12 -28.08 6.20
OC1 WZO I . 53.16 -27.05 7.30
OBC WZO I . 53.67 -29.48 6.79
PB WZO I . 52.84 -30.83 6.55
OB WZO I . 53.63 -32.00 6.98
SB WZO I . 51.20 -30.69 7.57
OAB WZO I . 52.49 -30.93 4.98
PA WZO I . 51.79 -32.22 4.32
OA2 WZO I . 51.09 -31.77 2.93
OA1 WZO I . 52.85 -33.26 4.03
OA3 WZO I . 50.73 -32.78 5.24
O5' WZO I . 54.07 -27.64 4.97
C5' WZO I . 54.14 -28.48 3.82
C4' WZO I . 54.94 -27.84 2.69
C3' WZO I . 56.35 -27.45 3.08
O3' WZO I . 57.23 -28.56 2.90
C2' WZO I . 56.67 -26.37 2.09
O2' WZO I . 57.09 -26.98 0.87
CM2 WZO I . 57.28 -26.05 -0.19
C1' WZO I . 55.34 -25.66 1.89
O4' WZO I . 54.33 -26.64 2.20
N9 WZO I . 55.24 -24.54 2.85
N3 WZO I . 56.54 -22.74 1.74
N2 WZO I . 57.71 -20.88 0.92
N1 WZO I . 56.64 -20.74 3.00
O6 WZO I . 55.59 -20.56 5.09
N7 WZO I . 54.74 -23.37 4.65
CM7 WZO I . 54.15 -23.04 5.97
C2 WZO J . -50.81 30.31 -10.41
C8 WZO J . -52.15 27.56 -7.18
C4 WZO J . -51.49 29.18 -8.47
C5 WZO J . -51.62 28.03 -9.21
C6 WZO J . -51.33 28.02 -10.57
OC2 WZO J . -52.85 25.64 -2.91
PC WZO J . -53.99 25.59 -3.90
OC1 WZO J . -53.76 24.51 -4.93
OBC WZO J . -55.38 25.28 -3.16
PB WZO J . -55.51 25.26 -1.56
OB WZO J . -56.92 25.00 -1.18
SB WZO J . -54.37 23.86 -0.91
OAB WZO J . -55.03 26.70 -0.98
PA WZO J . -55.33 27.16 0.53
OA2 WZO J . -55.09 28.74 0.68
OA1 WZO J . -56.78 26.87 0.87
OA3 WZO J . -54.40 26.41 1.46
O5' WZO J . -54.07 27.03 -4.61
C5' WZO J . -54.23 28.20 -3.80
C4' WZO J . -53.47 29.40 -4.38
C3' WZO J . -54.16 30.05 -5.55
O3' WZO J . -55.16 30.98 -5.10
C2' WZO J . -53.01 30.76 -6.23
O2' WZO J . -52.75 31.98 -5.55
CM2 WZO J . -51.73 32.75 -6.20
C1' WZO J . -51.86 29.78 -6.04
O4' WZO J . -52.16 29.06 -4.84
N9 WZO J . -51.82 28.86 -7.20
N3 WZO J . -51.09 30.32 -9.08
N2 WZO J . -50.41 31.45 -11.02
N1 WZO J . -50.93 29.18 -11.15
O6 WZO J . -51.44 26.91 -11.35
N7 WZO J . -52.02 27.03 -8.41
CM7 WZO J . -52.29 25.61 -8.76
#